data_5DBI
#
_entry.id   5DBI
#
_cell.length_a   92.056
_cell.length_b   94.629
_cell.length_c   172.818
_cell.angle_alpha   90.00
_cell.angle_beta   90.00
_cell.angle_gamma   90.00
#
_symmetry.space_group_name_H-M   'C 2 2 21'
#
loop_
_entity.id
_entity.type
_entity.pdbx_description
1 polymer 'Iridoid synthase'
2 non-polymer NICOTINAMIDE-ADENINE-DINUCLEOTIDE
3 non-polymer (2E,6E)-2,6-dimethylocta-2,6-dienedial
4 water water
#
_entity_poly.entity_id   1
_entity_poly.type   'polypeptide(L)'
_entity_poly.pdbx_seq_one_letter_code
;KSYKSVALVVGVTGIVGSSLAEVLKLPDTPGGPWKVYGVARRPCPVWLAKKPVEYIQCDVSDNQETISKLSPLKDITHIF
YVSWIGSEDCQTNATMFKNILNSVIPNASNLQHVCLQTGIKHYFGIFEEGSKVVPHDSPFTEDLPRLNVPNFYHDLEDIL
YEETGKNNLTWSVHRPALVFGFSPCSMMNIVSTLCVYATICKHENKALVYPGSKNSWNCYADAVDADLVAEHEIWAAVDP
KAKNQVLNCNNGDVFKWKHIWKKLAEEFGIEMVGYVEGKEQVSLAELMKDKDQVWDEIVKKNNLVPTKLKEIAAFWFADI
AFCSENLISSMNKSKELGFLGFRNSMKSFVSCIDKMRDYRFIPASAWSHPQFEK
;
_entity_poly.pdbx_strand_id   A,B
#
# COMPACT_ATOMS: atom_id res chain seq x y z
N LYS A 1 15.22 32.05 -12.04
CA LYS A 1 14.72 33.16 -11.17
C LYS A 1 15.17 32.91 -9.72
N SER A 2 15.03 33.91 -8.86
CA SER A 2 14.89 33.63 -7.46
C SER A 2 13.36 33.67 -7.25
N TYR A 3 12.91 32.89 -6.28
CA TYR A 3 11.49 32.84 -5.94
C TYR A 3 11.27 33.22 -4.48
N LYS A 4 10.07 33.66 -4.18
CA LYS A 4 9.76 33.99 -2.79
C LYS A 4 9.51 32.68 -2.02
N SER A 5 8.77 31.76 -2.64
CA SER A 5 8.44 30.54 -1.97
C SER A 5 8.64 29.37 -2.93
N VAL A 6 8.97 28.22 -2.34
CA VAL A 6 9.20 27.01 -3.06
C VAL A 6 8.33 25.89 -2.43
N ALA A 7 7.41 25.41 -3.22
CA ALA A 7 6.47 24.42 -2.78
C ALA A 7 6.87 23.05 -3.23
N LEU A 8 6.77 22.10 -2.31
CA LEU A 8 6.78 20.66 -2.65
C LEU A 8 5.37 20.15 -2.53
N VAL A 9 4.81 19.78 -3.65
CA VAL A 9 3.47 19.31 -3.74
C VAL A 9 3.57 17.84 -3.92
N VAL A 10 3.31 17.12 -2.85
CA VAL A 10 3.31 15.67 -2.88
C VAL A 10 1.92 15.13 -3.20
N GLY A 11 1.79 14.61 -4.41
CA GLY A 11 0.50 14.22 -4.97
C GLY A 11 0.02 15.15 -6.10
N VAL A 12 0.97 15.61 -6.92
CA VAL A 12 0.70 16.64 -7.94
C VAL A 12 -0.28 16.20 -9.02
N THR A 13 -0.43 14.88 -9.24
CA THR A 13 -1.40 14.43 -10.24
C THR A 13 -2.75 14.27 -9.58
N GLY A 14 -2.83 14.49 -8.28
CA GLY A 14 -4.09 14.29 -7.56
C GLY A 14 -5.16 15.33 -7.83
N ILE A 15 -6.34 15.09 -7.25
CA ILE A 15 -7.48 15.98 -7.39
C ILE A 15 -7.22 17.41 -6.79
N VAL A 16 -6.48 17.47 -5.70
CA VAL A 16 -6.03 18.75 -5.15
C VAL A 16 -4.60 19.15 -5.59
N GLY A 17 -3.68 18.19 -5.61
CA GLY A 17 -2.37 18.42 -6.19
C GLY A 17 -2.39 19.11 -7.55
N SER A 18 -3.24 18.65 -8.45
CA SER A 18 -3.30 19.24 -9.76
C SER A 18 -3.82 20.69 -9.71
N SER A 19 -4.64 21.06 -8.70
CA SER A 19 -5.13 22.45 -8.61
C SER A 19 -4.06 23.29 -8.03
N LEU A 20 -3.36 22.80 -7.03
CA LEU A 20 -2.27 23.58 -6.51
C LEU A 20 -1.23 23.92 -7.54
N ALA A 21 -1.06 23.04 -8.52
CA ALA A 21 -0.07 23.26 -9.55
C ALA A 21 -0.47 24.47 -10.40
N GLU A 22 -1.77 24.69 -10.59
CA GLU A 22 -2.28 25.84 -11.31
C GLU A 22 -2.29 27.07 -10.38
N VAL A 23 -2.88 26.92 -9.20
CA VAL A 23 -3.10 28.04 -8.29
C VAL A 23 -1.82 28.66 -7.81
N LEU A 24 -0.84 27.84 -7.52
CA LEU A 24 0.43 28.39 -6.99
C LEU A 24 1.19 29.26 -8.02
N LYS A 25 0.90 29.06 -9.30
CA LYS A 25 1.54 29.81 -10.37
C LYS A 25 0.83 31.09 -10.82
N LEU A 26 -0.31 31.42 -10.22
CA LEU A 26 -1.00 32.63 -10.54
C LEU A 26 -0.23 33.79 -9.91
N PRO A 27 -0.14 34.94 -10.59
CA PRO A 27 0.62 36.08 -10.04
C PRO A 27 0.03 36.71 -8.77
N ASP A 28 -1.27 36.64 -8.56
CA ASP A 28 -1.81 37.20 -7.35
C ASP A 28 -1.69 36.29 -6.10
N THR A 29 -1.22 35.06 -6.26
CA THR A 29 -1.21 34.08 -5.17
C THR A 29 -0.34 34.48 -3.98
N PRO A 30 -0.94 34.51 -2.77
CA PRO A 30 -0.12 34.81 -1.61
C PRO A 30 1.16 33.95 -1.53
N GLY A 31 2.23 34.59 -1.11
CA GLY A 31 3.53 33.96 -0.96
C GLY A 31 4.32 33.90 -2.24
N GLY A 32 3.67 34.26 -3.36
CA GLY A 32 4.32 34.20 -4.68
C GLY A 32 5.43 35.24 -4.87
N PRO A 33 6.24 35.11 -5.92
CA PRO A 33 6.16 34.03 -6.92
C PRO A 33 6.65 32.69 -6.37
N TRP A 34 6.04 31.62 -6.86
CA TRP A 34 6.21 30.28 -6.30
C TRP A 34 6.95 29.46 -7.30
N LYS A 35 7.97 28.76 -6.84
CA LYS A 35 8.46 27.60 -7.59
C LYS A 35 7.72 26.36 -7.11
N VAL A 36 7.42 25.47 -8.04
CA VAL A 36 6.70 24.28 -7.73
C VAL A 36 7.37 22.99 -8.18
N TYR A 37 7.80 22.20 -7.19
CA TYR A 37 8.10 20.78 -7.38
C TYR A 37 6.84 19.92 -7.14
N GLY A 38 6.58 19.04 -8.08
CA GLY A 38 5.45 18.15 -8.04
C GLY A 38 5.88 16.70 -8.05
N VAL A 39 5.56 15.99 -6.95
CA VAL A 39 5.79 14.57 -6.82
C VAL A 39 4.55 13.72 -7.09
N ALA A 40 4.72 12.68 -7.89
CA ALA A 40 3.73 11.64 -8.03
C ALA A 40 4.38 10.31 -8.43
N ARG A 41 3.57 9.27 -8.46
CA ARG A 41 4.01 7.89 -8.51
C ARG A 41 4.44 7.50 -9.92
N ARG A 42 3.68 7.92 -10.90
CA ARG A 42 3.80 7.47 -12.25
C ARG A 42 4.62 8.44 -13.11
N PRO A 43 4.99 8.03 -14.34
CA PRO A 43 5.70 9.03 -15.15
C PRO A 43 4.78 10.21 -15.43
N CYS A 44 5.36 11.39 -15.52
CA CYS A 44 4.59 12.59 -15.82
C CYS A 44 3.58 12.37 -16.95
N PRO A 45 2.27 12.49 -16.66
CA PRO A 45 1.39 12.36 -17.80
C PRO A 45 1.45 13.62 -18.67
N VAL A 46 0.90 13.47 -19.87
CA VAL A 46 1.14 14.41 -20.94
C VAL A 46 0.59 15.76 -20.54
N TRP A 47 -0.62 15.77 -20.00
CA TRP A 47 -1.27 17.03 -19.62
C TRP A 47 -0.45 17.88 -18.64
N LEU A 48 0.28 17.21 -17.75
CA LEU A 48 1.13 17.88 -16.79
C LEU A 48 2.48 18.32 -17.29
N ALA A 49 2.95 17.69 -18.35
CA ALA A 49 4.24 18.13 -18.92
C ALA A 49 4.11 19.53 -19.56
N LYS A 50 2.89 19.95 -19.88
CA LYS A 50 2.63 21.28 -20.41
C LYS A 50 2.39 22.32 -19.31
N LYS A 51 2.82 22.04 -18.07
CA LYS A 51 2.71 22.96 -16.97
C LYS A 51 4.05 23.30 -16.39
N PRO A 52 4.24 24.53 -15.88
CA PRO A 52 5.51 24.93 -15.29
C PRO A 52 5.69 24.34 -13.88
N VAL A 53 5.72 23.02 -13.81
CA VAL A 53 6.09 22.40 -12.55
C VAL A 53 7.24 21.45 -12.82
N GLU A 54 8.21 21.49 -11.93
CA GLU A 54 9.29 20.52 -11.92
C GLU A 54 8.77 19.18 -11.39
N TYR A 55 8.47 18.29 -12.28
CA TYR A 55 7.91 16.99 -11.96
C TYR A 55 8.94 15.98 -11.49
N ILE A 56 8.71 15.33 -10.36
CA ILE A 56 9.58 14.30 -9.86
C ILE A 56 8.79 13.04 -9.71
N GLN A 57 9.07 12.04 -10.57
CA GLN A 57 8.52 10.70 -10.35
C GLN A 57 9.24 10.04 -9.18
N CYS A 58 8.49 9.54 -8.20
CA CYS A 58 9.07 8.95 -7.01
C CYS A 58 8.01 8.10 -6.31
N ASP A 59 8.39 6.87 -5.92
CA ASP A 59 7.57 6.11 -5.00
C ASP A 59 7.86 6.54 -3.59
N VAL A 60 6.97 7.34 -3.01
CA VAL A 60 7.35 7.93 -1.76
C VAL A 60 7.21 6.94 -0.59
N SER A 61 6.65 5.76 -0.85
CA SER A 61 6.70 4.67 0.16
C SER A 61 8.08 4.00 0.28
N ASP A 62 8.94 4.22 -0.71
CA ASP A 62 10.34 3.72 -0.75
C ASP A 62 11.29 4.78 -0.19
N ASN A 63 11.77 4.53 0.99
CA ASN A 63 12.56 5.47 1.73
C ASN A 63 13.84 5.90 1.03
N GLN A 64 14.59 4.93 0.48
CA GLN A 64 15.87 5.26 -0.16
C GLN A 64 15.62 6.07 -1.42
N GLU A 65 14.62 5.67 -2.22
CA GLU A 65 14.31 6.41 -3.44
C GLU A 65 13.93 7.86 -3.14
N THR A 66 13.19 8.02 -2.06
CA THR A 66 12.67 9.31 -1.67
C THR A 66 13.83 10.20 -1.20
N ILE A 67 14.69 9.62 -0.40
CA ILE A 67 15.89 10.37 0.00
C ILE A 67 16.69 10.81 -1.24
N SER A 68 16.86 9.93 -2.18
CA SER A 68 17.77 10.28 -3.24
C SER A 68 17.11 11.33 -4.16
N LYS A 69 15.79 11.29 -4.29
CA LYS A 69 15.12 12.26 -5.14
C LYS A 69 14.82 13.60 -4.47
N LEU A 70 14.66 13.62 -3.16
CA LEU A 70 14.24 14.87 -2.52
C LEU A 70 15.30 15.56 -1.68
N SER A 71 16.30 14.82 -1.20
CA SER A 71 17.45 15.41 -0.47
C SER A 71 18.08 16.59 -1.15
N PRO A 72 18.20 16.52 -2.47
CA PRO A 72 18.85 17.60 -3.19
C PRO A 72 18.00 18.86 -3.29
N LEU A 73 16.72 18.78 -2.90
CA LEU A 73 15.81 19.89 -3.07
C LEU A 73 15.94 20.83 -1.89
N LYS A 74 17.04 21.59 -1.87
CA LYS A 74 17.42 22.43 -0.71
C LYS A 74 16.63 23.71 -0.55
N ASP A 75 15.99 24.14 -1.62
CA ASP A 75 15.33 25.45 -1.62
C ASP A 75 13.88 25.39 -1.08
N ILE A 76 13.38 24.19 -0.74
CA ILE A 76 11.94 24.04 -0.40
C ILE A 76 11.55 24.88 0.82
N THR A 77 10.44 25.62 0.71
CA THR A 77 9.94 26.43 1.86
C THR A 77 8.62 25.91 2.48
N HIS A 78 7.83 25.18 1.71
CA HIS A 78 6.49 24.79 2.10
C HIS A 78 6.19 23.42 1.51
N ILE A 79 5.76 22.50 2.36
CA ILE A 79 5.34 21.18 1.88
C ILE A 79 3.82 21.11 1.90
N PHE A 80 3.23 20.66 0.81
CA PHE A 80 1.82 20.38 0.72
C PHE A 80 1.62 18.88 0.49
N TYR A 81 1.29 18.16 1.54
CA TYR A 81 1.07 16.74 1.44
C TYR A 81 -0.36 16.46 1.11
N VAL A 82 -0.59 16.17 -0.15
CA VAL A 82 -1.92 15.99 -0.67
C VAL A 82 -1.99 14.65 -1.38
N SER A 83 -1.58 13.63 -0.65
CA SER A 83 -1.49 12.31 -1.17
C SER A 83 -2.01 11.27 -0.16
N TRP A 84 -2.36 10.10 -0.65
CA TRP A 84 -2.46 8.89 0.19
C TRP A 84 -2.17 7.68 -0.71
N ILE A 85 -2.04 6.50 -0.11
CA ILE A 85 -1.58 5.35 -0.86
C ILE A 85 -2.65 4.65 -1.63
N GLY A 86 -3.91 4.95 -1.36
CA GLY A 86 -4.98 4.28 -2.14
C GLY A 86 -5.64 3.11 -1.38
N SER A 87 -5.28 2.95 -0.13
CA SER A 87 -6.01 2.06 0.79
C SER A 87 -5.94 2.70 2.17
N GLU A 88 -6.60 2.07 3.12
CA GLU A 88 -6.68 2.65 4.46
C GLU A 88 -5.62 2.20 5.47
N ASP A 89 -4.59 1.54 4.95
CA ASP A 89 -3.51 0.95 5.73
C ASP A 89 -2.82 2.08 6.48
N CYS A 90 -2.84 2.03 7.82
CA CYS A 90 -2.21 3.05 8.62
C CYS A 90 -0.71 3.07 8.47
N GLN A 91 -0.14 1.89 8.28
CA GLN A 91 1.31 1.83 8.23
C GLN A 91 1.88 2.37 6.90
N THR A 92 1.31 1.95 5.78
CA THR A 92 1.84 2.34 4.48
C THR A 92 1.58 3.83 4.18
N ASN A 93 0.40 4.34 4.55
CA ASN A 93 0.20 5.80 4.52
C ASN A 93 1.16 6.56 5.40
N ALA A 94 1.45 6.03 6.58
CA ALA A 94 2.33 6.74 7.48
C ALA A 94 3.74 6.79 6.92
N THR A 95 4.12 5.70 6.26
CA THR A 95 5.49 5.60 5.74
C THR A 95 5.68 6.73 4.69
N MET A 96 4.70 6.89 3.82
CA MET A 96 4.74 7.95 2.77
C MET A 96 5.08 9.30 3.33
N PHE A 97 4.34 9.68 4.34
CA PHE A 97 4.47 10.98 4.90
C PHE A 97 5.80 11.13 5.65
N LYS A 98 6.16 10.13 6.46
CA LYS A 98 7.45 10.12 7.16
C LYS A 98 8.62 10.23 6.21
N ASN A 99 8.58 9.47 5.13
CA ASN A 99 9.63 9.56 4.11
C ASN A 99 9.79 10.97 3.58
N ILE A 100 8.67 11.67 3.36
CA ILE A 100 8.74 13.02 2.82
C ILE A 100 9.45 13.89 3.83
N LEU A 101 9.01 13.85 5.07
CA LEU A 101 9.58 14.73 6.07
C LEU A 101 11.03 14.45 6.42
N ASN A 102 11.35 13.18 6.55
CA ASN A 102 12.73 12.74 6.84
C ASN A 102 13.66 13.08 5.69
N SER A 103 13.16 13.07 4.46
CA SER A 103 13.98 13.49 3.33
C SER A 103 14.18 15.00 3.19
N VAL A 104 13.17 15.79 3.58
CA VAL A 104 13.24 17.22 3.34
C VAL A 104 13.66 17.99 4.56
N ILE A 105 13.13 17.64 5.73
CA ILE A 105 13.42 18.49 6.85
C ILE A 105 14.92 18.73 7.09
N PRO A 106 15.75 17.68 6.98
CA PRO A 106 17.16 17.99 7.31
C PRO A 106 17.95 18.72 6.19
N ASN A 107 17.41 18.74 4.97
CA ASN A 107 18.08 19.34 3.85
C ASN A 107 17.59 20.70 3.38
N ALA A 108 16.41 21.12 3.81
CA ALA A 108 15.87 22.39 3.34
C ALA A 108 15.88 23.34 4.47
N SER A 109 16.96 24.12 4.54
CA SER A 109 17.19 25.02 5.68
C SER A 109 16.17 26.15 5.81
N ASN A 110 15.52 26.57 4.71
CA ASN A 110 14.46 27.60 4.85
C ASN A 110 13.04 27.05 4.87
N LEU A 111 12.91 25.77 5.22
CA LEU A 111 11.62 25.15 5.36
C LEU A 111 10.85 25.85 6.47
N GLN A 112 9.60 26.21 6.20
CA GLN A 112 8.79 26.94 7.19
C GLN A 112 7.55 26.21 7.69
N HIS A 113 6.90 25.46 6.81
CA HIS A 113 5.55 25.01 7.05
C HIS A 113 5.26 23.70 6.36
N VAL A 114 4.45 22.90 7.03
CA VAL A 114 4.00 21.65 6.47
C VAL A 114 2.51 21.65 6.53
N CYS A 115 1.90 21.54 5.36
CA CYS A 115 0.48 21.41 5.24
C CYS A 115 0.10 19.97 4.96
N LEU A 116 -0.75 19.40 5.81
CA LEU A 116 -1.22 18.02 5.67
C LEU A 116 -2.69 17.99 5.32
N GLN A 117 -3.04 17.31 4.27
CA GLN A 117 -4.41 17.22 3.91
C GLN A 117 -4.95 15.86 4.29
N THR A 118 -5.95 15.84 5.16
CA THR A 118 -6.71 14.63 5.43
C THR A 118 -8.12 14.85 4.95
N GLY A 119 -9.12 14.83 5.84
CA GLY A 119 -10.49 14.86 5.35
C GLY A 119 -11.54 14.67 6.39
N ILE A 120 -12.81 14.79 5.98
CA ILE A 120 -13.92 14.68 6.96
C ILE A 120 -14.14 13.23 7.50
N LYS A 121 -13.51 12.22 6.90
CA LYS A 121 -13.53 10.88 7.46
C LYS A 121 -13.07 10.93 8.91
N HIS A 122 -12.20 11.85 9.24
CA HIS A 122 -11.80 12.03 10.61
C HIS A 122 -12.97 11.98 11.59
N TYR A 123 -14.13 12.46 11.14
CA TYR A 123 -15.29 12.67 11.99
C TYR A 123 -16.24 11.48 12.01
N PHE A 124 -16.20 10.63 10.99
CA PHE A 124 -17.23 9.57 10.92
C PHE A 124 -16.75 8.14 10.72
N GLY A 125 -15.48 7.97 10.37
CA GLY A 125 -14.88 6.67 10.28
C GLY A 125 -14.25 6.40 8.94
N ILE A 126 -13.93 5.13 8.72
CA ILE A 126 -13.12 4.70 7.57
C ILE A 126 -14.04 3.98 6.58
N PHE A 127 -13.55 3.77 5.35
CA PHE A 127 -14.34 3.09 4.33
C PHE A 127 -14.45 1.54 4.49
N GLU A 128 -13.58 0.89 5.25
CA GLU A 128 -13.84 -0.52 5.63
C GLU A 128 -14.35 -0.60 7.10
N GLU A 129 -15.59 -1.04 7.30
CA GLU A 129 -16.15 -1.34 8.66
C GLU A 129 -16.08 -0.15 9.62
N VAL A 134 -21.46 4.80 15.39
CA VAL A 134 -20.07 5.18 15.52
C VAL A 134 -19.84 6.70 15.28
N PRO A 135 -20.44 7.29 14.21
CA PRO A 135 -19.97 8.64 13.82
C PRO A 135 -20.23 9.69 14.87
N HIS A 136 -19.42 10.74 14.87
CA HIS A 136 -19.83 12.00 15.51
C HIS A 136 -21.07 12.52 14.79
N ASP A 137 -21.83 13.33 15.49
CA ASP A 137 -22.97 14.02 14.86
C ASP A 137 -22.39 15.29 14.22
N SER A 138 -23.10 15.86 13.27
CA SER A 138 -22.66 17.03 12.54
C SER A 138 -23.56 18.20 12.94
N PRO A 139 -23.20 19.43 12.58
CA PRO A 139 -22.07 19.78 11.71
C PRO A 139 -20.72 19.52 12.34
N PHE A 140 -19.77 19.04 11.56
CA PHE A 140 -18.49 18.68 12.16
C PHE A 140 -17.67 19.90 12.41
N THR A 141 -17.13 19.99 13.61
CA THR A 141 -16.23 21.07 13.98
C THR A 141 -14.86 20.43 14.34
N GLU A 142 -13.81 21.26 14.30
CA GLU A 142 -12.45 20.80 14.31
C GLU A 142 -11.97 20.23 15.65
N ASP A 143 -12.57 20.75 16.71
CA ASP A 143 -12.33 20.31 18.08
C ASP A 143 -12.90 18.92 18.44
N LEU A 144 -13.72 18.30 17.57
CA LEU A 144 -14.25 16.96 17.87
C LEU A 144 -13.11 15.94 18.11
N PRO A 145 -13.21 15.14 19.18
CA PRO A 145 -12.10 14.23 19.47
C PRO A 145 -12.03 13.04 18.50
N ARG A 146 -10.88 12.41 18.39
CA ARG A 146 -10.76 11.23 17.53
C ARG A 146 -11.73 10.11 17.90
N LEU A 147 -12.29 9.49 16.88
CA LEU A 147 -13.00 8.26 17.01
C LEU A 147 -12.01 7.13 17.32
N ASN A 148 -12.53 6.07 17.90
CA ASN A 148 -11.71 4.95 18.27
C ASN A 148 -11.70 3.97 17.09
N VAL A 149 -10.97 4.36 16.06
CA VAL A 149 -10.87 3.55 14.87
C VAL A 149 -9.43 3.68 14.38
N PRO A 150 -8.92 2.66 13.70
CA PRO A 150 -7.61 2.82 13.08
C PRO A 150 -7.79 3.66 11.78
N ASN A 151 -7.90 4.97 11.96
CA ASN A 151 -7.88 5.92 10.86
C ASN A 151 -6.45 6.39 10.60
N PHE A 152 -5.93 6.10 9.40
CA PHE A 152 -4.55 6.55 9.08
C PHE A 152 -4.33 8.08 9.26
N TYR A 153 -5.41 8.86 9.24
CA TYR A 153 -5.31 10.32 9.53
C TYR A 153 -4.68 10.56 10.91
N HIS A 154 -4.94 9.65 11.87
CA HIS A 154 -4.44 9.86 13.24
C HIS A 154 -2.94 9.75 13.25
N ASP A 155 -2.43 8.77 12.54
CA ASP A 155 -0.97 8.57 12.39
C ASP A 155 -0.31 9.76 11.67
N LEU A 156 -0.91 10.19 10.56
CA LEU A 156 -0.38 11.36 9.87
C LEU A 156 -0.35 12.59 10.78
N GLU A 157 -1.44 12.87 11.51
CA GLU A 157 -1.38 14.01 12.41
C GLU A 157 -0.28 13.85 13.46
N ASP A 158 -0.19 12.67 14.06
CA ASP A 158 0.83 12.47 15.11
C ASP A 158 2.23 12.72 14.57
N ILE A 159 2.52 12.20 13.39
CA ILE A 159 3.79 12.46 12.75
C ILE A 159 4.01 13.94 12.48
N LEU A 160 3.00 14.60 11.90
CA LEU A 160 3.04 16.05 11.71
C LEU A 160 3.38 16.79 12.97
N TYR A 161 2.65 16.50 14.06
CA TYR A 161 2.85 17.32 15.30
C TYR A 161 4.27 17.12 15.86
N GLU A 162 4.75 15.88 15.86
CA GLU A 162 6.10 15.52 16.34
C GLU A 162 7.19 16.21 15.55
N GLU A 163 7.16 16.02 14.24
CA GLU A 163 8.21 16.52 13.37
C GLU A 163 8.25 18.03 13.28
N THR A 164 7.10 18.69 13.31
CA THR A 164 7.12 20.15 13.21
C THR A 164 7.49 20.76 14.55
N GLY A 165 7.07 20.16 15.64
CA GLY A 165 7.33 20.76 16.98
C GLY A 165 8.82 20.74 17.26
N LYS A 166 9.41 19.55 17.11
CA LYS A 166 10.83 19.40 17.37
C LYS A 166 11.73 20.16 16.36
N ASN A 167 11.20 20.56 15.20
CA ASN A 167 11.99 21.33 14.24
C ASN A 167 11.58 22.80 14.05
N ASN A 168 10.81 23.40 14.96
CA ASN A 168 10.23 24.79 14.82
C ASN A 168 9.68 25.17 13.41
N LEU A 169 8.90 24.25 12.87
CA LEU A 169 8.13 24.47 11.67
C LEU A 169 6.68 24.71 12.09
N THR A 170 5.93 25.43 11.27
CA THR A 170 4.49 25.53 11.54
C THR A 170 3.76 24.45 10.80
N TRP A 171 2.52 24.18 11.22
CA TRP A 171 1.75 23.09 10.60
C TRP A 171 0.29 23.50 10.42
N SER A 172 -0.39 22.80 9.52
CA SER A 172 -1.78 22.90 9.44
C SER A 172 -2.32 21.57 9.00
N VAL A 173 -3.50 21.23 9.46
CA VAL A 173 -4.24 20.07 8.96
C VAL A 173 -5.50 20.56 8.26
N HIS A 174 -5.77 20.05 7.09
CA HIS A 174 -6.90 20.46 6.33
C HIS A 174 -7.76 19.30 6.16
N ARG A 175 -9.05 19.47 6.45
CA ARG A 175 -9.98 18.36 6.34
C ARG A 175 -11.03 18.75 5.38
N PRO A 176 -10.73 18.60 4.10
CA PRO A 176 -11.72 18.89 3.12
C PRO A 176 -12.95 17.97 3.13
N ALA A 177 -14.01 18.55 2.62
CA ALA A 177 -15.19 17.79 2.32
C ALA A 177 -14.92 17.10 0.98
N LEU A 178 -15.94 16.44 0.46
CA LEU A 178 -15.92 15.79 -0.79
C LEU A 178 -15.45 16.78 -1.84
N VAL A 179 -14.48 16.39 -2.64
CA VAL A 179 -13.87 17.29 -3.59
C VAL A 179 -14.48 17.32 -4.96
N PHE A 180 -14.84 18.51 -5.42
CA PHE A 180 -15.24 18.73 -6.83
C PHE A 180 -13.99 19.21 -7.54
N GLY A 181 -13.49 18.42 -8.47
CA GLY A 181 -12.20 18.65 -9.07
C GLY A 181 -12.15 18.05 -10.45
N PHE A 182 -10.99 18.15 -11.10
CA PHE A 182 -10.91 17.82 -12.51
C PHE A 182 -9.91 16.70 -12.87
N SER A 183 -9.02 16.33 -11.97
CA SER A 183 -7.96 15.37 -12.35
C SER A 183 -8.52 14.03 -12.70
N PRO A 184 -8.10 13.47 -13.84
CA PRO A 184 -8.43 12.10 -14.24
C PRO A 184 -7.52 11.03 -13.60
N CYS A 185 -6.55 11.44 -12.79
CA CYS A 185 -5.63 10.48 -12.17
C CYS A 185 -5.97 10.31 -10.73
N SER A 186 -7.19 10.63 -10.30
CA SER A 186 -7.45 10.63 -8.88
C SER A 186 -8.05 9.30 -8.59
N MET A 187 -7.83 8.79 -7.38
CA MET A 187 -8.60 7.65 -6.92
C MET A 187 -10.00 7.95 -6.39
N MET A 188 -10.35 9.24 -6.25
CA MET A 188 -11.65 9.64 -5.69
C MET A 188 -12.11 10.96 -6.27
N ASN A 189 -12.63 10.89 -7.48
CA ASN A 189 -13.05 12.07 -8.18
C ASN A 189 -14.51 11.89 -8.53
N ILE A 190 -15.40 12.45 -7.70
CA ILE A 190 -16.85 12.23 -7.86
C ILE A 190 -17.36 12.85 -9.13
N VAL A 191 -16.86 14.03 -9.46
CA VAL A 191 -17.38 14.62 -10.69
C VAL A 191 -16.97 13.86 -11.97
N SER A 192 -15.70 13.47 -12.14
CA SER A 192 -15.33 12.68 -13.32
C SER A 192 -16.09 11.40 -13.34
N THR A 193 -16.21 10.76 -12.19
CA THR A 193 -17.01 9.55 -12.10
C THR A 193 -18.40 9.73 -12.62
N LEU A 194 -19.08 10.80 -12.22
CA LEU A 194 -20.46 10.95 -12.66
C LEU A 194 -20.51 11.39 -14.09
N CYS A 195 -19.52 12.18 -14.49
CA CYS A 195 -19.37 12.54 -15.89
C CYS A 195 -19.17 11.31 -16.82
N VAL A 196 -18.37 10.36 -16.38
CA VAL A 196 -18.14 9.17 -17.15
C VAL A 196 -19.45 8.35 -17.21
N TYR A 197 -20.13 8.22 -16.09
CA TYR A 197 -21.38 7.53 -16.08
C TYR A 197 -22.37 8.12 -17.09
N ALA A 198 -22.47 9.45 -17.13
CA ALA A 198 -23.44 10.08 -17.97
C ALA A 198 -23.05 9.93 -19.43
N THR A 199 -21.75 10.01 -19.71
CA THR A 199 -21.20 9.88 -21.05
C THR A 199 -21.55 8.49 -21.60
N ILE A 200 -21.40 7.46 -20.78
CA ILE A 200 -21.80 6.11 -21.10
C ILE A 200 -23.31 6.00 -21.26
N CYS A 201 -24.09 6.52 -20.33
CA CYS A 201 -25.55 6.49 -20.51
C CYS A 201 -25.91 7.06 -21.89
N LYS A 202 -25.30 8.20 -22.23
CA LYS A 202 -25.62 8.87 -23.47
C LYS A 202 -25.23 8.00 -24.69
N HIS A 203 -24.00 7.49 -24.69
CA HIS A 203 -23.48 6.64 -25.77
C HIS A 203 -24.31 5.37 -25.99
N GLU A 204 -24.79 4.76 -24.91
CA GLU A 204 -25.69 3.61 -24.99
C GLU A 204 -27.19 3.95 -25.07
N ASN A 205 -27.53 5.16 -25.51
CA ASN A 205 -28.91 5.68 -25.54
C ASN A 205 -29.80 5.38 -24.33
N LYS A 206 -29.23 5.45 -23.13
CA LYS A 206 -30.00 5.28 -21.92
C LYS A 206 -30.18 6.60 -21.18
N ALA A 207 -31.11 6.59 -20.24
CA ALA A 207 -31.35 7.73 -19.39
C ALA A 207 -30.29 7.77 -18.26
N LEU A 208 -30.07 8.99 -17.71
CA LEU A 208 -29.23 9.17 -16.53
C LEU A 208 -30.03 8.73 -15.34
N VAL A 209 -29.85 7.47 -14.95
CA VAL A 209 -30.70 6.90 -13.93
C VAL A 209 -29.96 6.94 -12.61
N TYR A 210 -30.62 7.47 -11.59
CA TYR A 210 -30.03 7.61 -10.29
C TYR A 210 -30.01 6.28 -9.59
N PRO A 211 -28.82 5.78 -9.24
CA PRO A 211 -28.70 4.50 -8.57
C PRO A 211 -28.65 4.54 -7.05
N GLY A 212 -28.71 5.73 -6.46
CA GLY A 212 -28.41 5.82 -5.02
C GLY A 212 -29.60 5.70 -4.07
N SER A 213 -29.31 5.85 -2.79
CA SER A 213 -30.29 5.83 -1.74
C SER A 213 -31.20 7.06 -1.73
N LYS A 214 -32.34 6.88 -1.08
CA LYS A 214 -33.37 7.91 -0.93
C LYS A 214 -32.82 9.07 -0.13
N ASN A 215 -32.16 8.71 0.94
CA ASN A 215 -31.58 9.69 1.81
C ASN A 215 -30.56 10.58 1.16
N SER A 216 -29.71 10.01 0.33
CA SER A 216 -28.65 10.75 -0.28
C SER A 216 -29.24 11.67 -1.31
N TRP A 217 -30.41 11.29 -1.84
CA TRP A 217 -31.08 12.08 -2.84
C TRP A 217 -31.63 13.35 -2.22
N ASN A 218 -32.18 13.19 -1.01
CA ASN A 218 -32.97 14.22 -0.35
C ASN A 218 -32.24 15.02 0.75
N CYS A 219 -31.17 14.47 1.32
CA CYS A 219 -30.49 15.10 2.46
C CYS A 219 -29.61 16.25 1.98
N TYR A 220 -29.23 17.13 2.91
CA TYR A 220 -28.28 18.18 2.59
C TYR A 220 -26.87 17.58 2.56
N ALA A 221 -26.09 17.98 1.56
CA ALA A 221 -24.72 17.52 1.40
C ALA A 221 -23.83 18.73 1.17
N ASP A 222 -22.51 18.57 1.39
CA ASP A 222 -21.61 19.63 1.02
C ASP A 222 -20.37 19.09 0.33
N ALA A 223 -19.59 20.01 -0.23
CA ALA A 223 -18.42 19.68 -1.00
C ALA A 223 -17.46 20.82 -1.01
N VAL A 224 -16.28 20.58 -1.61
CA VAL A 224 -15.32 21.64 -1.86
C VAL A 224 -14.75 21.55 -3.27
N ASP A 225 -14.59 22.72 -3.88
CA ASP A 225 -13.89 22.87 -5.09
C ASP A 225 -12.39 22.72 -4.81
N ALA A 226 -11.70 21.98 -5.69
CA ALA A 226 -10.27 21.74 -5.60
C ALA A 226 -9.47 23.02 -5.54
N ASP A 227 -9.89 24.02 -6.31
CA ASP A 227 -9.20 25.29 -6.29
C ASP A 227 -9.38 25.97 -4.97
N LEU A 228 -10.56 25.82 -4.37
CA LEU A 228 -10.73 26.44 -3.03
C LEU A 228 -9.89 25.71 -2.00
N VAL A 229 -9.76 24.37 -2.12
CA VAL A 229 -8.87 23.68 -1.16
C VAL A 229 -7.48 24.20 -1.32
N ALA A 230 -7.05 24.41 -2.57
CA ALA A 230 -5.69 24.93 -2.78
C ALA A 230 -5.55 26.32 -2.19
N GLU A 231 -6.54 27.18 -2.39
CA GLU A 231 -6.41 28.50 -1.76
C GLU A 231 -6.34 28.43 -0.27
N HIS A 232 -7.14 27.54 0.29
CA HIS A 232 -7.18 27.41 1.76
C HIS A 232 -5.84 26.90 2.31
N GLU A 233 -5.26 25.95 1.62
CA GLU A 233 -3.93 25.43 2.02
C GLU A 233 -2.87 26.50 1.89
N ILE A 234 -2.90 27.23 0.79
CA ILE A 234 -1.96 28.31 0.56
C ILE A 234 -2.15 29.39 1.63
N TRP A 235 -3.40 29.72 1.95
CA TRP A 235 -3.66 30.69 3.01
C TRP A 235 -3.06 30.27 4.34
N ALA A 236 -3.21 29.00 4.70
CA ALA A 236 -2.72 28.59 5.99
C ALA A 236 -1.22 28.51 5.98
N ALA A 237 -0.67 28.33 4.81
CA ALA A 237 0.76 28.21 4.69
C ALA A 237 1.48 29.55 4.79
N VAL A 238 0.83 30.65 4.43
CA VAL A 238 1.48 31.93 4.50
C VAL A 238 0.92 32.91 5.52
N ASP A 239 -0.35 32.79 5.92
CA ASP A 239 -0.97 33.77 6.81
C ASP A 239 -0.65 33.40 8.23
N PRO A 240 0.08 34.26 8.94
CA PRO A 240 0.44 33.85 10.30
C PRO A 240 -0.71 33.61 11.26
N LYS A 241 -1.86 34.27 11.09
CA LYS A 241 -3.04 33.99 11.94
C LYS A 241 -3.52 32.56 11.81
N ALA A 242 -3.26 31.91 10.69
CA ALA A 242 -3.77 30.57 10.48
C ALA A 242 -2.88 29.44 10.98
N LYS A 243 -1.72 29.75 11.56
CA LYS A 243 -0.69 28.72 11.79
C LYS A 243 -1.08 27.76 12.85
N ASN A 244 -0.63 26.50 12.70
CA ASN A 244 -0.83 25.48 13.72
C ASN A 244 -2.29 25.33 14.09
N GLN A 245 -3.11 25.11 13.08
CA GLN A 245 -4.55 24.88 13.26
C GLN A 245 -4.98 23.73 12.42
N VAL A 246 -5.93 23.00 12.98
CA VAL A 246 -6.76 22.09 12.24
C VAL A 246 -7.91 22.87 11.65
N LEU A 247 -8.25 22.61 10.39
CA LEU A 247 -9.18 23.43 9.64
C LEU A 247 -9.96 22.67 8.62
N ASN A 248 -11.28 22.73 8.70
CA ASN A 248 -12.11 22.13 7.68
C ASN A 248 -12.05 23.00 6.46
N CYS A 249 -12.46 22.43 5.33
CA CYS A 249 -12.51 23.16 4.06
C CYS A 249 -13.71 22.70 3.22
N ASN A 250 -14.77 23.49 3.15
CA ASN A 250 -15.84 23.20 2.23
C ASN A 250 -16.26 24.51 1.47
N ASN A 251 -17.13 24.37 0.50
CA ASN A 251 -17.52 25.52 -0.33
C ASN A 251 -18.34 26.57 0.39
N GLY A 252 -18.82 26.26 1.58
CA GLY A 252 -19.44 27.26 2.43
C GLY A 252 -20.99 27.22 2.35
N ASP A 253 -21.53 26.37 1.49
CA ASP A 253 -22.94 26.21 1.26
C ASP A 253 -23.27 24.73 1.33
N VAL A 254 -24.54 24.41 1.03
CA VAL A 254 -25.01 23.05 0.96
C VAL A 254 -25.79 22.85 -0.34
N PHE A 255 -25.90 21.61 -0.76
CA PHE A 255 -26.71 21.27 -1.91
C PHE A 255 -27.45 19.97 -1.62
N LYS A 256 -28.22 19.50 -2.60
CA LYS A 256 -28.80 18.16 -2.60
C LYS A 256 -28.42 17.43 -3.87
N TRP A 257 -28.10 16.14 -3.77
CA TRP A 257 -27.79 15.35 -4.99
C TRP A 257 -28.92 15.40 -6.00
N LYS A 258 -30.14 15.51 -5.53
CA LYS A 258 -31.22 15.58 -6.55
C LYS A 258 -31.11 16.77 -7.47
N HIS A 259 -30.63 17.90 -6.98
CA HIS A 259 -30.58 19.07 -7.83
C HIS A 259 -29.37 18.94 -8.74
N ILE A 260 -28.28 18.43 -8.17
CA ILE A 260 -27.07 18.15 -8.95
C ILE A 260 -27.39 17.16 -10.08
N TRP A 261 -28.20 16.14 -9.78
CA TRP A 261 -28.53 15.11 -10.78
C TRP A 261 -29.21 15.72 -12.02
N LYS A 262 -30.12 16.64 -11.79
CA LYS A 262 -30.79 17.33 -12.85
C LYS A 262 -29.83 18.14 -13.68
N LYS A 263 -28.94 18.89 -13.02
CA LYS A 263 -27.99 19.67 -13.79
C LYS A 263 -27.06 18.76 -14.65
N LEU A 264 -26.75 17.59 -14.13
CA LEU A 264 -25.84 16.64 -14.77
C LEU A 264 -26.48 16.14 -16.07
N ALA A 265 -27.75 15.78 -15.97
CA ALA A 265 -28.55 15.39 -17.10
C ALA A 265 -28.59 16.50 -18.15
N GLU A 266 -28.96 17.70 -17.74
CA GLU A 266 -28.94 18.84 -18.64
C GLU A 266 -27.58 19.04 -19.30
N GLU A 267 -26.47 18.91 -18.53
CA GLU A 267 -25.15 19.12 -19.11
C GLU A 267 -24.78 18.06 -20.18
N PHE A 268 -25.38 16.87 -20.10
CA PHE A 268 -25.14 15.86 -21.06
C PHE A 268 -26.28 15.68 -22.10
N GLY A 269 -27.26 16.58 -22.07
CA GLY A 269 -28.39 16.55 -23.01
C GLY A 269 -29.14 15.24 -23.03
N ILE A 270 -29.35 14.64 -21.86
CA ILE A 270 -30.08 13.39 -21.79
C ILE A 270 -31.14 13.49 -20.71
N GLU A 271 -32.00 12.50 -20.72
CA GLU A 271 -33.17 12.47 -19.89
C GLU A 271 -32.68 11.98 -18.55
N MET A 272 -33.38 12.35 -17.50
CA MET A 272 -33.02 11.92 -16.16
C MET A 272 -34.08 11.03 -15.57
N VAL A 273 -33.65 10.04 -14.80
CA VAL A 273 -34.54 9.31 -13.95
C VAL A 273 -34.05 9.48 -12.51
N GLY A 274 -34.88 10.17 -11.74
CA GLY A 274 -34.57 10.50 -10.39
C GLY A 274 -34.77 9.30 -9.50
N TYR A 275 -34.62 9.53 -8.20
CA TYR A 275 -34.93 8.55 -7.21
C TYR A 275 -36.40 8.20 -7.28
N VAL A 276 -36.72 6.90 -7.14
CA VAL A 276 -38.09 6.38 -7.23
C VAL A 276 -38.49 5.86 -5.87
N GLU A 277 -39.57 6.39 -5.31
CA GLU A 277 -40.04 6.00 -3.97
C GLU A 277 -40.01 4.50 -3.77
N GLY A 278 -39.46 4.07 -2.65
CA GLY A 278 -39.45 2.66 -2.30
C GLY A 278 -38.35 1.84 -2.93
N LYS A 279 -37.93 2.20 -4.14
CA LYS A 279 -36.82 1.56 -4.83
C LYS A 279 -35.51 1.73 -4.01
N GLU A 280 -34.59 0.78 -4.08
CA GLU A 280 -33.39 0.90 -3.25
C GLU A 280 -32.06 0.97 -4.01
N GLN A 281 -31.03 1.36 -3.27
CA GLN A 281 -29.76 1.67 -3.87
C GLN A 281 -29.26 0.44 -4.62
N VAL A 282 -28.81 0.63 -5.84
CA VAL A 282 -28.03 -0.37 -6.54
C VAL A 282 -26.59 0.12 -6.68
N SER A 283 -25.67 -0.83 -6.83
CA SER A 283 -24.28 -0.49 -6.94
C SER A 283 -23.92 -0.09 -8.34
N LEU A 284 -23.53 1.16 -8.48
CA LEU A 284 -23.01 1.66 -9.73
C LEU A 284 -21.69 0.96 -10.16
N ALA A 285 -20.85 0.60 -9.18
CA ALA A 285 -19.67 -0.24 -9.43
C ALA A 285 -20.06 -1.55 -10.18
N GLU A 286 -21.04 -2.26 -9.64
CA GLU A 286 -21.59 -3.46 -10.28
C GLU A 286 -22.18 -3.12 -11.67
N LEU A 287 -22.97 -2.07 -11.81
CA LEU A 287 -23.53 -1.75 -13.12
C LEU A 287 -22.51 -1.43 -14.19
N MET A 288 -21.29 -1.04 -13.79
CA MET A 288 -20.31 -0.56 -14.75
C MET A 288 -19.14 -1.54 -14.86
N LYS A 289 -19.29 -2.70 -14.18
CA LYS A 289 -18.42 -3.87 -14.24
C LYS A 289 -17.55 -4.02 -15.50
N ASP A 290 -18.21 -4.20 -16.63
CA ASP A 290 -17.48 -4.56 -17.84
C ASP A 290 -17.82 -3.53 -18.88
N LYS A 291 -17.53 -2.26 -18.56
CA LYS A 291 -17.69 -1.20 -19.52
C LYS A 291 -16.36 -0.65 -19.95
N ASP A 292 -15.27 -1.28 -19.54
CA ASP A 292 -13.92 -0.77 -19.88
C ASP A 292 -13.75 -0.54 -21.38
N GLN A 293 -14.35 -1.42 -22.17
CA GLN A 293 -14.20 -1.37 -23.63
C GLN A 293 -15.03 -0.25 -24.23
N VAL A 294 -16.26 -0.08 -23.73
CA VAL A 294 -17.09 1.03 -24.18
C VAL A 294 -16.34 2.33 -23.92
N TRP A 295 -15.68 2.42 -22.77
CA TRP A 295 -14.94 3.65 -22.43
C TRP A 295 -13.74 3.87 -23.39
N ASP A 296 -12.96 2.79 -23.62
CA ASP A 296 -11.83 2.80 -24.61
C ASP A 296 -12.35 3.20 -26.01
N GLU A 297 -13.53 2.72 -26.42
CA GLU A 297 -14.16 3.17 -27.67
C GLU A 297 -14.45 4.66 -27.63
N ILE A 298 -14.99 5.14 -26.51
CA ILE A 298 -15.42 6.54 -26.41
C ILE A 298 -14.22 7.44 -26.49
N VAL A 299 -13.16 7.04 -25.78
CA VAL A 299 -11.91 7.82 -25.75
C VAL A 299 -11.35 8.05 -27.14
N LYS A 300 -11.40 6.97 -27.95
CA LYS A 300 -10.86 6.94 -29.32
C LYS A 300 -11.77 7.72 -30.25
N LYS A 301 -13.07 7.40 -30.23
CA LYS A 301 -14.09 8.18 -30.98
C LYS A 301 -13.93 9.69 -30.81
N ASN A 302 -13.74 10.19 -29.58
CA ASN A 302 -13.74 11.66 -29.33
C ASN A 302 -12.33 12.21 -29.20
N ASN A 303 -11.35 11.35 -29.40
CA ASN A 303 -9.95 11.76 -29.35
C ASN A 303 -9.65 12.40 -28.00
N LEU A 304 -10.14 11.73 -26.95
CA LEU A 304 -9.84 12.12 -25.58
C LEU A 304 -8.44 11.72 -25.16
N VAL A 305 -7.95 12.42 -24.16
CA VAL A 305 -6.74 12.02 -23.46
C VAL A 305 -7.01 10.57 -23.01
N PRO A 306 -6.08 9.64 -23.30
CA PRO A 306 -6.52 8.26 -23.09
C PRO A 306 -6.53 7.97 -21.59
N THR A 307 -7.60 7.40 -21.09
CA THR A 307 -7.65 7.02 -19.70
C THR A 307 -8.29 5.68 -19.67
N LYS A 308 -7.84 4.84 -18.75
CA LYS A 308 -8.59 3.62 -18.44
C LYS A 308 -9.76 3.99 -17.56
N LEU A 309 -10.86 3.25 -17.72
CA LEU A 309 -12.06 3.46 -16.97
C LEU A 309 -11.83 3.50 -15.47
N LYS A 310 -11.04 2.56 -14.96
CA LYS A 310 -10.78 2.45 -13.53
C LYS A 310 -9.91 3.60 -13.02
N GLU A 311 -9.26 4.32 -13.92
CA GLU A 311 -8.47 5.46 -13.53
C GLU A 311 -9.31 6.72 -13.37
N ILE A 312 -10.10 7.00 -14.39
CA ILE A 312 -10.82 8.24 -14.44
C ILE A 312 -12.07 8.20 -13.56
N ALA A 313 -12.67 7.00 -13.41
CA ALA A 313 -13.84 6.81 -12.60
C ALA A 313 -13.56 5.95 -11.41
N ALA A 314 -14.31 6.23 -10.34
CA ALA A 314 -14.28 5.48 -9.10
C ALA A 314 -15.72 5.21 -8.67
N PHE A 315 -16.35 4.25 -9.33
CA PHE A 315 -17.76 4.00 -9.14
C PHE A 315 -18.07 3.55 -7.72
N TRP A 316 -17.13 2.85 -7.12
CA TRP A 316 -17.27 2.47 -5.72
C TRP A 316 -17.48 3.68 -4.81
N PHE A 317 -16.85 4.80 -5.16
CA PHE A 317 -16.84 5.98 -4.30
C PHE A 317 -18.13 6.71 -4.47
N ALA A 318 -18.66 6.71 -5.69
CA ALA A 318 -19.99 7.24 -5.91
C ALA A 318 -21.02 6.48 -5.08
N ASP A 319 -20.85 5.15 -4.96
CA ASP A 319 -21.80 4.34 -4.20
C ASP A 319 -21.79 4.76 -2.73
N ILE A 320 -20.61 4.99 -2.19
CA ILE A 320 -20.51 5.51 -0.85
C ILE A 320 -21.16 6.92 -0.72
N ALA A 321 -20.82 7.83 -1.61
CA ALA A 321 -21.51 9.14 -1.60
C ALA A 321 -23.02 8.97 -1.58
N PHE A 322 -23.52 8.03 -2.37
CA PHE A 322 -24.95 7.82 -2.46
C PHE A 322 -25.58 6.92 -1.39
N CYS A 323 -24.84 6.51 -0.36
CA CYS A 323 -25.49 5.97 0.84
C CYS A 323 -25.11 6.81 2.04
N SER A 324 -24.65 8.02 1.80
CA SER A 324 -24.16 8.84 2.92
C SER A 324 -25.17 9.95 3.24
N GLU A 325 -25.19 10.40 4.47
CA GLU A 325 -25.97 11.53 4.85
C GLU A 325 -25.42 12.08 6.18
N ASN A 326 -25.85 13.28 6.55
CA ASN A 326 -25.47 13.83 7.84
C ASN A 326 -23.97 14.14 7.93
N LEU A 327 -23.33 14.46 6.79
CA LEU A 327 -21.88 14.68 6.84
C LEU A 327 -21.44 16.17 6.72
N ILE A 328 -22.36 17.13 6.94
CA ILE A 328 -22.03 18.55 6.78
C ILE A 328 -20.94 18.94 7.74
N SER A 329 -20.00 19.75 7.27
CA SER A 329 -18.93 20.30 8.11
C SER A 329 -19.06 21.82 8.18
N SER A 330 -18.51 22.38 9.25
CA SER A 330 -18.58 23.82 9.48
C SER A 330 -17.32 24.52 9.03
N MET A 331 -17.49 25.66 8.36
CA MET A 331 -16.46 26.54 8.04
C MET A 331 -16.30 27.72 8.98
N ASN A 332 -17.02 27.72 10.10
CA ASN A 332 -16.93 28.83 11.03
C ASN A 332 -15.52 29.15 11.51
N LYS A 333 -14.75 28.15 11.80
CA LYS A 333 -13.42 28.44 12.33
C LYS A 333 -12.58 29.15 11.31
N SER A 334 -12.63 28.73 10.05
CA SER A 334 -11.82 29.36 9.04
C SER A 334 -12.27 30.76 8.80
N LYS A 335 -13.58 30.95 8.76
CA LYS A 335 -14.12 32.29 8.61
C LYS A 335 -13.75 33.21 9.80
N GLU A 336 -13.79 32.67 11.01
CA GLU A 336 -13.46 33.50 12.17
C GLU A 336 -11.97 33.84 12.15
N LEU A 337 -11.17 32.99 11.56
CA LEU A 337 -9.77 33.31 11.35
C LEU A 337 -9.52 34.26 10.16
N GLY A 338 -10.55 34.63 9.41
CA GLY A 338 -10.31 35.55 8.30
C GLY A 338 -10.35 34.94 6.91
N PHE A 339 -10.49 33.62 6.79
CA PHE A 339 -10.55 33.09 5.42
C PHE A 339 -12.00 33.17 4.95
N LEU A 340 -12.27 33.97 3.95
CA LEU A 340 -13.62 34.09 3.46
C LEU A 340 -13.86 33.53 2.05
N GLY A 341 -12.91 32.75 1.51
CA GLY A 341 -13.14 32.01 0.26
C GLY A 341 -14.34 31.05 0.34
N PHE A 342 -15.05 30.95 -0.75
CA PHE A 342 -16.27 30.14 -0.84
C PHE A 342 -16.49 29.85 -2.30
N ARG A 343 -17.40 28.92 -2.59
CA ARG A 343 -17.91 28.73 -3.92
C ARG A 343 -19.37 28.37 -3.86
N ASN A 344 -20.07 28.68 -4.91
CA ASN A 344 -21.44 28.20 -5.15
C ASN A 344 -21.28 26.77 -5.64
N SER A 345 -21.66 25.79 -4.82
CA SER A 345 -21.44 24.40 -5.16
C SER A 345 -22.06 23.95 -6.50
N MET A 346 -23.18 24.50 -6.86
CA MET A 346 -23.81 24.12 -8.15
C MET A 346 -22.96 24.62 -9.29
N LYS A 347 -22.46 25.83 -9.13
CA LYS A 347 -21.55 26.36 -10.12
C LYS A 347 -20.18 25.68 -10.13
N SER A 348 -19.65 25.31 -8.97
CA SER A 348 -18.40 24.60 -8.89
C SER A 348 -18.54 23.24 -9.65
N PHE A 349 -19.67 22.59 -9.53
CA PHE A 349 -19.89 21.30 -10.15
C PHE A 349 -19.85 21.52 -11.64
N VAL A 350 -20.58 22.50 -12.13
CA VAL A 350 -20.61 22.74 -13.54
C VAL A 350 -19.23 23.12 -14.04
N SER A 351 -18.49 23.85 -13.24
CA SER A 351 -17.19 24.34 -13.66
C SER A 351 -16.15 23.19 -13.77
N CYS A 352 -16.33 22.13 -12.96
CA CYS A 352 -15.53 20.92 -13.05
C CYS A 352 -15.86 20.18 -14.32
N ILE A 353 -17.14 20.09 -14.63
CA ILE A 353 -17.54 19.51 -15.86
C ILE A 353 -16.86 20.24 -17.05
N ASP A 354 -17.03 21.57 -17.09
CA ASP A 354 -16.50 22.34 -18.20
C ASP A 354 -15.02 22.12 -18.34
N LYS A 355 -14.32 22.10 -17.20
CA LYS A 355 -12.90 22.02 -17.24
C LYS A 355 -12.42 20.63 -17.69
N MET A 356 -13.18 19.60 -17.38
CA MET A 356 -12.79 18.28 -17.81
C MET A 356 -13.03 18.12 -19.30
N ARG A 357 -14.01 18.87 -19.83
CA ARG A 357 -14.24 18.94 -21.27
C ARG A 357 -13.14 19.77 -21.98
N ASP A 358 -12.87 20.92 -21.41
CA ASP A 358 -11.78 21.81 -21.81
C ASP A 358 -10.44 21.05 -21.94
N TYR A 359 -10.05 20.30 -20.91
CA TYR A 359 -8.81 19.54 -20.92
C TYR A 359 -8.89 18.20 -21.70
N ARG A 360 -10.06 17.92 -22.27
CA ARG A 360 -10.33 16.75 -23.11
C ARG A 360 -10.26 15.40 -22.40
N PHE A 361 -10.65 15.38 -21.12
CA PHE A 361 -10.77 14.10 -20.40
C PHE A 361 -12.11 13.46 -20.66
N ILE A 362 -13.09 14.27 -21.03
CA ILE A 362 -14.43 13.74 -21.27
C ILE A 362 -14.98 14.43 -22.50
N PRO A 363 -16.00 13.85 -23.14
CA PRO A 363 -16.43 14.46 -24.43
C PRO A 363 -17.11 15.81 -24.30
N ALA A 364 -16.83 16.69 -25.26
CA ALA A 364 -17.54 17.97 -25.38
C ALA A 364 -19.02 17.71 -25.73
N SER A 365 -19.83 18.76 -25.80
CA SER A 365 -21.26 18.59 -26.13
C SER A 365 -21.88 19.87 -26.64
N LYS B 1 -19.47 -4.15 -0.78
CA LYS B 1 -18.69 -3.56 -1.90
C LYS B 1 -18.43 -4.67 -2.95
N SER B 2 -17.91 -4.25 -4.10
CA SER B 2 -17.65 -5.15 -5.23
C SER B 2 -16.19 -5.14 -5.68
N TYR B 3 -15.60 -6.32 -5.86
CA TYR B 3 -14.18 -6.42 -6.22
C TYR B 3 -13.95 -7.23 -7.48
N LYS B 4 -12.80 -7.02 -8.11
CA LYS B 4 -12.41 -7.83 -9.26
C LYS B 4 -11.94 -9.21 -8.73
N SER B 5 -11.10 -9.19 -7.70
CA SER B 5 -10.48 -10.42 -7.27
C SER B 5 -10.53 -10.47 -5.76
N VAL B 6 -10.63 -11.68 -5.23
CA VAL B 6 -10.74 -11.92 -3.83
C VAL B 6 -9.71 -12.97 -3.46
N ALA B 7 -8.77 -12.52 -2.64
CA ALA B 7 -7.64 -13.32 -2.28
C ALA B 7 -7.86 -13.94 -0.91
N LEU B 8 -7.51 -15.21 -0.81
CA LEU B 8 -7.28 -15.85 0.49
C LEU B 8 -5.81 -16.01 0.69
N VAL B 9 -5.27 -15.28 1.66
CA VAL B 9 -3.89 -15.31 1.98
C VAL B 9 -3.73 -16.15 3.22
N VAL B 10 -3.31 -17.39 3.05
CA VAL B 10 -3.06 -18.28 4.17
C VAL B 10 -1.65 -18.12 4.66
N GLY B 11 -1.53 -17.54 5.83
CA GLY B 11 -0.25 -17.15 6.38
C GLY B 11 -0.02 -15.61 6.36
N VAL B 12 -1.10 -14.87 6.63
CA VAL B 12 -1.05 -13.42 6.48
C VAL B 12 -0.08 -12.74 7.46
N THR B 13 0.27 -13.37 8.58
CA THR B 13 1.22 -12.72 9.48
C THR B 13 2.64 -13.11 9.12
N GLY B 14 2.76 -13.94 8.09
CA GLY B 14 4.09 -14.38 7.65
C GLY B 14 4.94 -13.32 6.93
N ILE B 15 6.16 -13.71 6.62
CA ILE B 15 7.12 -12.85 6.00
C ILE B 15 6.68 -12.46 4.57
N VAL B 16 6.04 -13.37 3.87
CA VAL B 16 5.40 -13.09 2.60
C VAL B 16 3.93 -12.72 2.71
N GLY B 17 3.19 -13.44 3.53
CA GLY B 17 1.79 -13.07 3.79
C GLY B 17 1.61 -11.61 4.17
N SER B 18 2.44 -11.09 5.06
CA SER B 18 2.31 -9.73 5.45
C SER B 18 2.58 -8.75 4.29
N SER B 19 3.41 -9.16 3.32
CA SER B 19 3.73 -8.31 2.23
C SER B 19 2.62 -8.37 1.23
N LEU B 20 2.07 -9.54 0.99
CA LEU B 20 0.90 -9.60 0.10
C LEU B 20 -0.26 -8.72 0.60
N ALA B 21 -0.38 -8.60 1.93
CA ALA B 21 -1.47 -7.87 2.49
C ALA B 21 -1.35 -6.38 2.11
N GLU B 22 -0.11 -5.91 1.93
CA GLU B 22 0.14 -4.54 1.48
C GLU B 22 0.02 -4.48 -0.05
N VAL B 23 0.71 -5.39 -0.75
CA VAL B 23 0.82 -5.32 -2.18
C VAL B 23 -0.52 -5.52 -2.86
N LEU B 24 -1.32 -6.44 -2.35
CA LEU B 24 -2.61 -6.67 -2.99
C LEU B 24 -3.55 -5.45 -2.94
N LYS B 25 -3.31 -4.55 -2.00
CA LYS B 25 -4.16 -3.37 -1.85
C LYS B 25 -3.63 -2.11 -2.55
N LEU B 26 -2.55 -2.21 -3.30
CA LEU B 26 -2.09 -1.09 -4.09
C LEU B 26 -3.03 -0.98 -5.28
N PRO B 27 -3.42 0.24 -5.66
CA PRO B 27 -4.35 0.40 -6.82
C PRO B 27 -3.83 -0.08 -8.19
N ASP B 28 -2.53 -0.07 -8.43
CA ASP B 28 -2.01 -0.51 -9.70
C ASP B 28 -1.77 -2.02 -9.78
N THR B 29 -2.04 -2.75 -8.70
CA THR B 29 -1.76 -4.20 -8.67
C THR B 29 -2.62 -4.98 -9.68
N PRO B 30 -1.99 -5.85 -10.47
CA PRO B 30 -2.75 -6.63 -11.41
C PRO B 30 -3.84 -7.39 -10.68
N GLY B 31 -4.99 -7.47 -11.34
CA GLY B 31 -6.14 -8.23 -10.88
C GLY B 31 -6.99 -7.41 -9.93
N GLY B 32 -6.50 -6.24 -9.52
CA GLY B 32 -7.21 -5.39 -8.59
C GLY B 32 -8.49 -4.75 -9.19
N PRO B 33 -9.33 -4.18 -8.35
CA PRO B 33 -9.15 -4.10 -6.92
C PRO B 33 -9.38 -5.45 -6.22
N TRP B 34 -8.64 -5.66 -5.12
CA TRP B 34 -8.55 -6.94 -4.44
C TRP B 34 -9.19 -6.83 -3.12
N LYS B 35 -10.05 -7.79 -2.81
CA LYS B 35 -10.42 -8.01 -1.43
C LYS B 35 -9.46 -9.00 -0.85
N VAL B 36 -9.15 -8.85 0.43
CA VAL B 36 -8.20 -9.73 1.06
C VAL B 36 -8.69 -10.31 2.40
N TYR B 37 -8.89 -11.62 2.39
CA TYR B 37 -8.96 -12.43 3.61
C TYR B 37 -7.59 -12.98 4.01
N GLY B 38 -7.25 -12.79 5.26
CA GLY B 38 -5.99 -13.15 5.79
C GLY B 38 -6.17 -14.13 6.95
N VAL B 39 -5.66 -15.35 6.76
CA VAL B 39 -5.66 -16.40 7.77
C VAL B 39 -4.33 -16.53 8.48
N ALA B 40 -4.37 -16.57 9.80
CA ALA B 40 -3.22 -16.96 10.60
C ALA B 40 -3.69 -17.62 11.90
N ARG B 41 -2.72 -18.15 12.67
CA ARG B 41 -2.96 -19.04 13.80
C ARG B 41 -3.45 -18.27 15.01
N ARG B 42 -2.86 -17.14 15.26
CA ARG B 42 -3.00 -16.43 16.51
C ARG B 42 -4.00 -15.26 16.38
N PRO B 43 -4.34 -14.62 17.51
CA PRO B 43 -5.22 -13.48 17.34
C PRO B 43 -4.52 -12.38 16.56
N CYS B 44 -5.30 -11.66 15.75
CA CYS B 44 -4.77 -10.55 14.96
C CYS B 44 -3.82 -9.63 15.79
N PRO B 45 -2.54 -9.57 15.42
CA PRO B 45 -1.74 -8.63 16.18
C PRO B 45 -2.07 -7.18 15.76
N VAL B 46 -1.58 -6.28 16.59
CA VAL B 46 -2.04 -4.88 16.59
C VAL B 46 -1.68 -4.25 15.27
N TRP B 47 -0.46 -4.48 14.81
CA TRP B 47 0.01 -3.89 13.57
C TRP B 47 -0.84 -4.25 12.36
N LEU B 48 -1.36 -5.47 12.37
CA LEU B 48 -2.25 -5.94 11.31
C LEU B 48 -3.67 -5.46 11.41
N ALA B 49 -4.13 -5.11 12.61
CA ALA B 49 -5.52 -4.63 12.73
C ALA B 49 -5.69 -3.24 12.05
N LYS B 50 -4.58 -2.54 11.80
CA LYS B 50 -4.60 -1.27 11.14
C LYS B 50 -4.45 -1.43 9.62
N LYS B 51 -4.71 -2.62 9.10
CA LYS B 51 -4.68 -2.89 7.66
C LYS B 51 -6.03 -3.32 7.15
N PRO B 52 -6.37 -2.95 5.92
CA PRO B 52 -7.62 -3.35 5.36
C PRO B 52 -7.58 -4.81 4.90
N VAL B 53 -7.40 -5.70 5.86
CA VAL B 53 -7.56 -7.12 5.54
C VAL B 53 -8.56 -7.69 6.54
N GLU B 54 -9.45 -8.52 6.03
CA GLU B 54 -10.39 -9.26 6.84
C GLU B 54 -9.65 -10.48 7.46
N TYR B 55 -9.28 -10.32 8.71
CA TYR B 55 -8.50 -11.30 9.45
C TYR B 55 -9.32 -12.45 10.00
N ILE B 56 -8.91 -13.69 9.73
CA ILE B 56 -9.58 -14.85 10.21
C ILE B 56 -8.59 -15.64 11.02
N GLN B 57 -8.76 -15.67 12.34
CA GLN B 57 -7.97 -16.56 13.17
C GLN B 57 -8.47 -18.00 12.98
N CYS B 58 -7.57 -18.92 12.69
CA CYS B 58 -7.97 -20.29 12.36
C CYS B 58 -6.76 -21.19 12.49
N ASP B 59 -6.92 -22.30 13.21
CA ASP B 59 -5.93 -23.38 13.15
C ASP B 59 -6.19 -24.20 11.92
N VAL B 60 -5.40 -24.01 10.87
CA VAL B 60 -5.78 -24.64 9.63
C VAL B 60 -5.41 -26.12 9.62
N SER B 61 -4.67 -26.56 10.64
CA SER B 61 -4.45 -28.04 10.81
C SER B 61 -5.70 -28.76 11.34
N ASP B 62 -6.66 -28.01 11.90
CA ASP B 62 -7.97 -28.53 12.39
C ASP B 62 -9.04 -28.45 11.31
N ASN B 63 -9.39 -29.60 10.78
CA ASN B 63 -10.25 -29.68 9.64
C ASN B 63 -11.65 -29.08 9.89
N GLN B 64 -12.25 -29.40 11.04
CA GLN B 64 -13.61 -28.90 11.31
C GLN B 64 -13.60 -27.41 11.51
N GLU B 65 -12.62 -26.90 12.23
CA GLU B 65 -12.51 -25.45 12.42
C GLU B 65 -12.34 -24.71 11.08
N THR B 66 -11.58 -25.34 10.19
CA THR B 66 -11.24 -24.75 8.92
C THR B 66 -12.48 -24.71 8.03
N ILE B 67 -13.19 -25.81 8.01
CA ILE B 67 -14.44 -25.84 7.30
C ILE B 67 -15.40 -24.75 7.83
N SER B 68 -15.52 -24.61 9.13
CA SER B 68 -16.53 -23.70 9.60
C SER B 68 -16.10 -22.24 9.32
N LYS B 69 -14.82 -21.95 9.37
CA LYS B 69 -14.38 -20.60 9.14
C LYS B 69 -14.22 -20.22 7.65
N LEU B 70 -14.00 -21.18 6.77
CA LEU B 70 -13.73 -20.81 5.39
C LEU B 70 -14.81 -21.17 4.39
N SER B 71 -15.64 -22.16 4.71
CA SER B 71 -16.80 -22.53 3.88
C SER B 71 -17.66 -21.37 3.48
N PRO B 72 -17.89 -20.43 4.40
CA PRO B 72 -18.75 -19.30 4.08
C PRO B 72 -18.12 -18.31 3.12
N LEU B 73 -16.83 -18.43 2.84
CA LEU B 73 -16.11 -17.46 2.03
C LEU B 73 -16.30 -17.78 0.57
N LYS B 74 -17.50 -17.52 0.08
CA LYS B 74 -17.93 -17.93 -1.28
C LYS B 74 -17.32 -17.12 -2.44
N ASP B 75 -16.83 -15.93 -2.12
CA ASP B 75 -16.41 -15.00 -3.15
C ASP B 75 -14.92 -15.21 -3.55
N ILE B 76 -14.22 -16.15 -2.92
CA ILE B 76 -12.77 -16.28 -3.15
C ILE B 76 -12.45 -16.59 -4.58
N THR B 77 -11.49 -15.86 -5.16
CA THR B 77 -11.03 -16.15 -6.52
C THR B 77 -9.62 -16.75 -6.63
N HIS B 78 -8.79 -16.45 -5.64
CA HIS B 78 -7.37 -16.80 -5.69
C HIS B 78 -6.89 -17.17 -4.32
N ILE B 79 -6.23 -18.32 -4.22
CA ILE B 79 -5.65 -18.71 -2.95
C ILE B 79 -4.17 -18.52 -3.04
N PHE B 80 -3.59 -17.94 -2.00
CA PHE B 80 -2.17 -17.82 -1.84
C PHE B 80 -1.77 -18.56 -0.58
N TYR B 81 -1.23 -19.75 -0.72
CA TYR B 81 -0.78 -20.53 0.39
C TYR B 81 0.69 -20.22 0.68
N VAL B 82 0.90 -19.42 1.71
CA VAL B 82 2.17 -18.92 2.10
C VAL B 82 2.42 -19.22 3.56
N SER B 83 2.20 -20.48 3.89
CA SER B 83 2.30 -20.94 5.25
C SER B 83 3.03 -22.29 5.33
N TRP B 84 3.57 -22.58 6.48
CA TRP B 84 3.93 -23.95 6.86
C TRP B 84 3.76 -24.09 8.36
N ILE B 85 3.85 -25.29 8.90
CA ILE B 85 3.52 -25.51 10.30
C ILE B 85 4.65 -25.17 11.25
N GLY B 86 5.87 -25.00 10.74
CA GLY B 86 6.96 -24.64 11.65
C GLY B 86 7.88 -25.81 12.02
N SER B 87 7.67 -26.94 11.37
CA SER B 87 8.61 -28.04 11.44
C SER B 87 8.53 -28.73 10.08
N GLU B 88 9.35 -29.74 9.90
CA GLU B 88 9.44 -30.40 8.59
C GLU B 88 8.55 -31.61 8.39
N ASP B 89 7.61 -31.78 9.29
CA ASP B 89 6.66 -32.91 9.29
C ASP B 89 5.85 -32.91 8.02
N CYS B 90 6.00 -33.94 7.19
CA CYS B 90 5.27 -34.02 5.93
C CYS B 90 3.78 -34.14 6.10
N GLN B 91 3.40 -34.81 7.17
CA GLN B 91 1.97 -35.08 7.35
C GLN B 91 1.20 -33.86 7.83
N THR B 92 1.73 -33.14 8.82
CA THR B 92 1.05 -32.02 9.42
C THR B 92 1.05 -30.81 8.45
N ASN B 93 2.16 -30.57 7.74
CA ASN B 93 2.13 -29.59 6.62
C ASN B 93 1.14 -29.91 5.56
N ALA B 94 1.02 -31.19 5.23
CA ALA B 94 0.10 -31.60 4.17
C ALA B 94 -1.34 -31.38 4.60
N THR B 95 -1.59 -31.62 5.90
CA THR B 95 -2.95 -31.51 6.43
C THR B 95 -3.44 -30.04 6.27
N MET B 96 -2.55 -29.11 6.61
CA MET B 96 -2.85 -27.67 6.48
C MET B 96 -3.35 -27.33 5.11
N PHE B 97 -2.61 -27.76 4.12
CA PHE B 97 -2.91 -27.36 2.78
C PHE B 97 -4.16 -28.05 2.27
N LYS B 98 -4.28 -29.35 2.52
CA LYS B 98 -5.53 -30.10 2.16
C LYS B 98 -6.78 -29.49 2.81
N ASN B 99 -6.68 -29.11 4.07
CA ASN B 99 -7.82 -28.46 4.73
C ASN B 99 -8.28 -27.20 4.01
N ILE B 100 -7.31 -26.40 3.57
CA ILE B 100 -7.61 -25.16 2.91
C ILE B 100 -8.38 -25.49 1.63
N LEU B 101 -7.85 -26.39 0.83
CA LEU B 101 -8.48 -26.67 -0.44
C LEU B 101 -9.85 -27.37 -0.32
N ASN B 102 -9.94 -28.32 0.61
CA ASN B 102 -11.18 -29.05 0.82
C ASN B 102 -12.27 -28.10 1.37
N SER B 103 -11.87 -27.10 2.15
CA SER B 103 -12.82 -26.10 2.64
C SER B 103 -13.25 -25.05 1.59
N VAL B 104 -12.36 -24.68 0.68
CA VAL B 104 -12.67 -23.61 -0.25
C VAL B 104 -13.13 -24.13 -1.61
N ILE B 105 -12.47 -25.12 -2.15
CA ILE B 105 -12.80 -25.50 -3.51
C ILE B 105 -14.31 -25.80 -3.73
N PRO B 106 -14.95 -26.55 -2.83
CA PRO B 106 -16.35 -26.82 -3.15
C PRO B 106 -17.32 -25.62 -2.90
N ASN B 107 -16.89 -24.59 -2.18
CA ASN B 107 -17.71 -23.44 -1.84
C ASN B 107 -17.49 -22.13 -2.59
N ALA B 108 -16.36 -22.00 -3.26
CA ALA B 108 -16.06 -20.78 -3.98
C ALA B 108 -16.17 -21.05 -5.47
N SER B 109 -17.35 -20.77 -6.03
CA SER B 109 -17.64 -21.09 -7.43
C SER B 109 -16.78 -20.32 -8.44
N ASN B 110 -16.28 -19.14 -8.08
CA ASN B 110 -15.45 -18.39 -9.02
C ASN B 110 -13.96 -18.55 -8.74
N LEU B 111 -13.61 -19.58 -7.97
CA LEU B 111 -12.22 -19.87 -7.71
C LEU B 111 -11.51 -20.17 -9.02
N GLN B 112 -10.35 -19.53 -9.22
CA GLN B 112 -9.60 -19.72 -10.46
C GLN B 112 -8.21 -20.35 -10.32
N HIS B 113 -7.51 -20.03 -9.26
CA HIS B 113 -6.10 -20.29 -9.17
C HIS B 113 -5.66 -20.57 -7.77
N VAL B 114 -4.68 -21.47 -7.66
CA VAL B 114 -4.07 -21.74 -6.37
C VAL B 114 -2.59 -21.54 -6.51
N CYS B 115 -2.06 -20.63 -5.72
CA CYS B 115 -0.67 -20.40 -5.66
C CYS B 115 -0.10 -21.07 -4.42
N LEU B 116 0.91 -21.93 -4.59
CA LEU B 116 1.61 -22.58 -3.50
C LEU B 116 3.03 -22.10 -3.36
N GLN B 117 3.40 -21.67 -2.16
CA GLN B 117 4.73 -21.21 -1.97
C GLN B 117 5.53 -22.24 -1.22
N THR B 118 6.61 -22.73 -1.84
CA THR B 118 7.56 -23.58 -1.16
C THR B 118 8.88 -22.86 -1.14
N GLY B 119 9.89 -23.41 -1.78
CA GLY B 119 11.22 -22.81 -1.62
C GLY B 119 12.38 -23.55 -2.24
N ILE B 120 13.56 -22.94 -2.15
CA ILE B 120 14.74 -23.56 -2.77
C ILE B 120 15.24 -24.83 -2.05
N LYS B 121 14.70 -25.14 -0.89
CA LYS B 121 15.02 -26.40 -0.20
C LYS B 121 14.68 -27.53 -1.12
N HIS B 122 13.70 -27.33 -1.97
CA HIS B 122 13.42 -28.32 -2.99
C HIS B 122 14.67 -28.90 -3.71
N TYR B 123 15.70 -28.08 -3.87
CA TYR B 123 16.88 -28.40 -4.63
C TYR B 123 18.01 -29.01 -3.81
N PHE B 124 18.05 -28.76 -2.50
CA PHE B 124 19.20 -29.17 -1.74
C PHE B 124 18.94 -30.00 -0.48
N GLY B 125 17.70 -30.06 -0.04
CA GLY B 125 17.32 -30.91 1.05
C GLY B 125 16.62 -30.16 2.16
N ILE B 126 16.54 -30.85 3.28
CA ILE B 126 15.71 -30.48 4.39
C ILE B 126 16.65 -30.03 5.53
N PHE B 127 16.12 -29.31 6.54
CA PHE B 127 16.97 -28.81 7.63
C PHE B 127 17.43 -29.89 8.67
N GLU B 128 16.76 -31.04 8.73
CA GLU B 128 17.28 -32.24 9.42
C GLU B 128 17.64 -33.38 8.41
N GLU B 129 18.93 -33.77 8.35
CA GLU B 129 19.37 -34.96 7.55
C GLU B 129 18.90 -34.91 6.09
N VAL B 133 20.83 -36.65 0.96
CA VAL B 133 21.64 -35.58 1.52
C VAL B 133 22.50 -34.88 0.43
N VAL B 134 22.70 -35.51 -0.74
CA VAL B 134 23.54 -34.86 -1.81
C VAL B 134 22.75 -33.80 -2.63
N PRO B 135 23.03 -32.51 -2.38
CA PRO B 135 22.29 -31.47 -3.10
C PRO B 135 22.42 -31.58 -4.61
N HIS B 136 21.46 -31.08 -5.33
CA HIS B 136 21.71 -30.71 -6.74
C HIS B 136 22.78 -29.62 -6.77
N ASP B 137 23.47 -29.53 -7.90
CA ASP B 137 24.39 -28.42 -8.15
C ASP B 137 23.56 -27.21 -8.62
N SER B 138 24.12 -26.00 -8.49
CA SER B 138 23.44 -24.79 -8.87
C SER B 138 24.16 -24.17 -10.08
N PRO B 139 23.52 -23.26 -10.80
CA PRO B 139 22.29 -22.58 -10.38
C PRO B 139 21.09 -23.48 -10.48
N PHE B 140 20.15 -23.34 -9.56
CA PHE B 140 19.01 -24.24 -9.56
C PHE B 140 17.99 -23.79 -10.60
N THR B 141 17.51 -24.74 -11.38
CA THR B 141 16.48 -24.54 -12.36
C THR B 141 15.30 -25.43 -12.01
N GLU B 142 14.13 -25.02 -12.48
CA GLU B 142 12.86 -25.57 -12.02
C GLU B 142 12.61 -27.04 -12.41
N ASP B 143 13.20 -27.44 -13.53
CA ASP B 143 13.16 -28.80 -14.04
C ASP B 143 14.00 -29.83 -13.24
N LEU B 144 14.84 -29.40 -12.32
CA LEU B 144 15.61 -30.37 -11.54
C LEU B 144 14.67 -31.37 -10.81
N PRO B 145 14.96 -32.68 -10.91
CA PRO B 145 14.04 -33.65 -10.31
C PRO B 145 14.10 -33.67 -8.77
N ARG B 146 13.04 -34.17 -8.14
CA ARG B 146 13.06 -34.28 -6.65
C ARG B 146 14.26 -35.09 -6.13
N LEU B 147 14.87 -34.59 -5.08
CA LEU B 147 15.78 -35.36 -4.27
C LEU B 147 15.05 -36.46 -3.54
N ASN B 148 15.79 -37.48 -3.16
CA ASN B 148 15.24 -38.61 -2.44
C ASN B 148 15.26 -38.32 -0.95
N VAL B 149 14.36 -37.42 -0.54
CA VAL B 149 14.26 -37.02 0.87
C VAL B 149 12.78 -36.80 1.16
N PRO B 150 12.36 -37.02 2.41
CA PRO B 150 10.99 -36.68 2.78
C PRO B 150 10.89 -35.14 2.96
N ASN B 151 10.80 -34.44 1.84
CA ASN B 151 10.55 -33.01 1.82
C ASN B 151 9.05 -32.76 1.76
N PHE B 152 8.49 -32.14 2.79
CA PHE B 152 7.05 -31.82 2.77
C PHE B 152 6.60 -31.01 1.53
N TYR B 153 7.53 -30.31 0.88
CA TYR B 153 7.24 -29.67 -0.41
C TYR B 153 6.68 -30.65 -1.45
N HIS B 154 7.19 -31.90 -1.44
CA HIS B 154 6.77 -32.86 -2.43
C HIS B 154 5.29 -33.15 -2.23
N ASP B 155 4.89 -33.37 -0.99
CA ASP B 155 3.48 -33.65 -0.65
C ASP B 155 2.58 -32.46 -1.03
N LEU B 156 3.02 -31.25 -0.66
CA LEU B 156 2.23 -30.04 -1.07
C LEU B 156 2.07 -29.93 -2.57
N GLU B 157 3.13 -30.17 -3.34
CA GLU B 157 2.95 -30.18 -4.79
C GLU B 157 2.01 -31.25 -5.26
N ASP B 158 2.16 -32.48 -4.75
CA ASP B 158 1.27 -33.55 -5.19
C ASP B 158 -0.20 -33.21 -4.94
N ILE B 159 -0.49 -32.67 -3.76
CA ILE B 159 -1.84 -32.25 -3.46
C ILE B 159 -2.32 -31.17 -4.44
N LEU B 160 -1.49 -30.15 -4.65
CA LEU B 160 -1.79 -29.09 -5.59
C LEU B 160 -2.18 -29.64 -6.94
N TYR B 161 -1.39 -30.58 -7.46
CA TYR B 161 -1.64 -31.03 -8.83
C TYR B 161 -2.94 -31.77 -8.92
N GLU B 162 -3.18 -32.65 -7.95
CA GLU B 162 -4.40 -33.50 -7.94
C GLU B 162 -5.67 -32.63 -7.84
N GLU B 163 -5.69 -31.74 -6.84
CA GLU B 163 -6.84 -30.92 -6.59
C GLU B 163 -7.15 -29.91 -7.71
N THR B 164 -6.13 -29.30 -8.29
CA THR B 164 -6.42 -28.32 -9.34
C THR B 164 -6.78 -29.01 -10.64
N GLY B 165 -6.18 -30.16 -10.92
CA GLY B 165 -6.45 -30.83 -12.19
C GLY B 165 -7.91 -31.28 -12.24
N LYS B 166 -8.31 -32.00 -11.18
CA LYS B 166 -9.67 -32.54 -11.12
C LYS B 166 -10.77 -31.46 -10.98
N ASN B 167 -10.39 -30.25 -10.57
CA ASN B 167 -11.36 -29.17 -10.48
C ASN B 167 -11.21 -28.04 -11.50
N ASN B 168 -10.47 -28.24 -12.58
CA ASN B 168 -10.26 -27.17 -13.55
C ASN B 168 -9.83 -25.76 -13.01
N LEU B 169 -8.90 -25.80 -12.05
CA LEU B 169 -8.24 -24.62 -11.52
C LEU B 169 -6.82 -24.56 -12.12
N THR B 170 -6.23 -23.36 -12.19
CA THR B 170 -4.80 -23.25 -12.55
C THR B 170 -3.99 -23.25 -11.29
N TRP B 171 -2.69 -23.54 -11.42
CA TRP B 171 -1.80 -23.61 -10.28
C TRP B 171 -0.44 -22.99 -10.61
N SER B 172 0.25 -22.60 -9.56
CA SER B 172 1.63 -22.28 -9.68
C SER B 172 2.33 -22.70 -8.40
N VAL B 173 3.60 -23.10 -8.53
CA VAL B 173 4.47 -23.30 -7.39
C VAL B 173 5.57 -22.25 -7.44
N HIS B 174 5.84 -21.62 -6.31
CA HIS B 174 6.83 -20.61 -6.21
C HIS B 174 7.88 -21.08 -5.25
N ARG B 175 9.14 -21.00 -5.66
CA ARG B 175 10.23 -21.45 -4.84
C ARG B 175 11.15 -20.31 -4.59
N PRO B 176 10.80 -19.50 -3.63
CA PRO B 176 11.64 -18.39 -3.34
C PRO B 176 12.95 -18.73 -2.73
N ALA B 177 13.85 -17.80 -2.91
CA ALA B 177 15.13 -17.84 -2.24
C ALA B 177 14.93 -17.30 -0.83
N LEU B 178 16.04 -17.12 -0.11
CA LEU B 178 16.04 -16.57 1.22
C LEU B 178 15.30 -15.24 1.17
N VAL B 179 14.32 -15.05 2.05
CA VAL B 179 13.46 -13.88 2.01
C VAL B 179 13.94 -12.72 2.84
N PHE B 180 14.08 -11.55 2.20
CA PHE B 180 14.36 -10.29 2.91
C PHE B 180 12.95 -9.64 3.11
N GLY B 181 12.54 -9.50 4.36
CA GLY B 181 11.20 -9.14 4.70
C GLY B 181 11.16 -8.50 6.06
N PHE B 182 9.97 -8.11 6.50
CA PHE B 182 9.84 -7.26 7.68
C PHE B 182 8.99 -7.85 8.83
N SER B 183 8.23 -8.93 8.61
CA SER B 183 7.37 -9.44 9.64
C SER B 183 8.09 -9.93 10.87
N PRO B 184 7.63 -9.52 12.08
CA PRO B 184 8.18 -9.99 13.35
C PRO B 184 7.52 -11.30 13.81
N CYS B 185 6.57 -11.82 13.06
CA CYS B 185 5.89 -13.04 13.46
C CYS B 185 6.37 -14.20 12.65
N SER B 186 7.53 -14.10 11.99
CA SER B 186 7.89 -15.14 11.04
C SER B 186 8.72 -16.11 11.81
N MET B 187 8.65 -17.36 11.42
CA MET B 187 9.62 -18.33 11.93
C MET B 187 11.00 -18.28 11.25
N MET B 188 11.14 -17.51 10.16
CA MET B 188 12.39 -17.50 9.38
C MET B 188 12.59 -16.17 8.72
N ASN B 189 13.05 -15.23 9.52
CA ASN B 189 13.21 -13.87 9.05
C ASN B 189 14.63 -13.48 9.32
N ILE B 190 15.47 -13.59 8.26
CA ILE B 190 16.90 -13.35 8.41
C ILE B 190 17.18 -11.91 8.75
N VAL B 191 16.50 -10.98 8.10
CA VAL B 191 16.84 -9.61 8.39
C VAL B 191 16.47 -9.17 9.80
N SER B 192 15.26 -9.49 10.28
CA SER B 192 14.93 -9.15 11.69
C SER B 192 15.90 -9.83 12.61
N THR B 193 16.19 -11.11 12.35
CA THR B 193 17.21 -11.81 13.15
C THR B 193 18.49 -11.09 13.24
N LEU B 194 18.98 -10.59 12.13
CA LEU B 194 20.29 -9.90 12.19
C LEU B 194 20.16 -8.53 12.77
N CYS B 195 19.01 -7.89 12.52
CA CYS B 195 18.71 -6.64 13.15
C CYS B 195 18.65 -6.74 14.68
N VAL B 196 18.05 -7.81 15.17
CA VAL B 196 18.00 -8.03 16.62
C VAL B 196 19.42 -8.29 17.17
N TYR B 197 20.19 -9.12 16.48
CA TYR B 197 21.55 -9.32 16.90
C TYR B 197 22.31 -8.03 17.01
N ALA B 198 22.18 -7.15 16.03
CA ALA B 198 22.97 -5.95 16.01
C ALA B 198 22.52 -5.00 17.13
N THR B 199 21.21 -4.98 17.36
CA THR B 199 20.61 -4.14 18.38
C THR B 199 21.14 -4.55 19.77
N ILE B 200 21.20 -5.85 20.02
CA ILE B 200 21.80 -6.40 21.23
C ILE B 200 23.30 -6.09 21.29
N CYS B 201 24.05 -6.32 20.21
CA CYS B 201 25.45 -5.93 20.24
C CYS B 201 25.58 -4.48 20.67
N LYS B 202 24.77 -3.61 20.09
CA LYS B 202 24.88 -2.18 20.35
C LYS B 202 24.56 -1.87 21.83
N HIS B 203 23.45 -2.41 22.33
CA HIS B 203 23.00 -2.23 23.72
C HIS B 203 24.02 -2.71 24.73
N GLU B 204 24.68 -3.83 24.46
CA GLU B 204 25.74 -4.36 25.33
C GLU B 204 27.15 -3.82 25.01
N ASN B 205 27.24 -2.67 24.34
CA ASN B 205 28.53 -2.10 23.86
C ASN B 205 29.55 -3.07 23.22
N LYS B 206 29.06 -4.02 22.45
CA LYS B 206 29.93 -4.91 21.71
C LYS B 206 29.92 -4.58 20.22
N ALA B 207 30.93 -5.14 19.54
CA ALA B 207 31.05 -5.01 18.10
C ALA B 207 30.07 -6.01 17.40
N LEU B 208 29.70 -5.71 16.15
CA LEU B 208 28.92 -6.63 15.32
C LEU B 208 29.89 -7.67 14.81
N VAL B 209 29.96 -8.79 15.51
CA VAL B 209 30.96 -9.80 15.23
C VAL B 209 30.31 -10.87 14.39
N TYR B 210 30.95 -11.17 13.27
CA TYR B 210 30.42 -12.14 12.35
C TYR B 210 30.69 -13.52 12.90
N PRO B 211 29.64 -14.29 13.18
CA PRO B 211 29.80 -15.65 13.71
C PRO B 211 29.86 -16.78 12.67
N GLY B 212 29.73 -16.47 11.40
CA GLY B 212 29.54 -17.53 10.40
C GLY B 212 30.82 -18.13 9.83
N SER B 213 30.62 -19.08 8.91
CA SER B 213 31.69 -19.70 8.15
C SER B 213 32.39 -18.74 7.16
N LYS B 214 33.58 -19.14 6.76
CA LYS B 214 34.39 -18.44 5.76
C LYS B 214 33.72 -18.43 4.39
N ASN B 215 33.21 -19.57 4.04
CA ASN B 215 32.57 -19.72 2.79
C ASN B 215 31.36 -18.83 2.64
N SER B 216 30.57 -18.69 3.71
CA SER B 216 29.35 -17.94 3.64
C SER B 216 29.67 -16.47 3.58
N TRP B 217 30.83 -16.10 4.12
CA TRP B 217 31.32 -14.74 4.08
C TRP B 217 31.70 -14.33 2.66
N ASN B 218 32.34 -15.23 1.94
CA ASN B 218 32.98 -14.93 0.64
C ASN B 218 32.21 -15.40 -0.63
N CYS B 219 31.34 -16.37 -0.48
CA CYS B 219 30.66 -16.96 -1.64
C CYS B 219 29.57 -15.98 -2.13
N TYR B 220 29.15 -16.14 -3.36
CA TYR B 220 28.01 -15.42 -3.85
C TYR B 220 26.73 -16.04 -3.23
N ALA B 221 25.80 -15.17 -2.84
CA ALA B 221 24.49 -15.63 -2.27
C ALA B 221 23.39 -14.88 -2.97
N ASP B 222 22.17 -15.41 -2.91
CA ASP B 222 21.07 -14.64 -3.40
C ASP B 222 19.88 -14.62 -2.44
N ALA B 223 18.90 -13.73 -2.71
CA ALA B 223 17.75 -13.56 -1.83
C ALA B 223 16.60 -12.98 -2.60
N VAL B 224 15.45 -12.89 -1.95
CA VAL B 224 14.33 -12.22 -2.51
C VAL B 224 13.70 -11.30 -1.50
N ASP B 225 13.31 -10.15 -1.99
CA ASP B 225 12.47 -9.26 -1.26
C ASP B 225 11.04 -9.81 -1.15
N ALA B 226 10.45 -9.69 0.05
CA ALA B 226 9.05 -10.19 0.26
C ALA B 226 8.03 -9.58 -0.68
N ASP B 227 8.21 -8.31 -0.98
CA ASP B 227 7.32 -7.64 -1.92
C ASP B 227 7.47 -8.19 -3.28
N LEU B 228 8.69 -8.54 -3.65
CA LEU B 228 8.89 -9.09 -5.01
C LEU B 228 8.28 -10.49 -5.06
N VAL B 229 8.36 -11.25 -3.97
CA VAL B 229 7.69 -12.58 -3.99
C VAL B 229 6.21 -12.37 -4.16
N ALA B 230 5.66 -11.39 -3.46
CA ALA B 230 4.21 -11.09 -3.62
C ALA B 230 3.87 -10.67 -5.04
N GLU B 231 4.70 -9.82 -5.66
CA GLU B 231 4.44 -9.50 -7.07
C GLU B 231 4.50 -10.70 -7.98
N HIS B 232 5.45 -11.56 -7.72
CA HIS B 232 5.61 -12.74 -8.58
C HIS B 232 4.39 -13.69 -8.43
N GLU B 233 3.93 -13.85 -7.20
CA GLU B 233 2.74 -14.71 -6.95
C GLU B 233 1.52 -14.10 -7.59
N ILE B 234 1.37 -12.80 -7.43
CA ILE B 234 0.26 -12.12 -8.05
C ILE B 234 0.35 -12.28 -9.56
N TRP B 235 1.52 -12.11 -10.11
CA TRP B 235 1.70 -12.23 -11.57
C TRP B 235 1.26 -13.59 -12.05
N ALA B 236 1.67 -14.64 -11.34
CA ALA B 236 1.35 -15.98 -11.86
C ALA B 236 -0.11 -16.27 -11.63
N ALA B 237 -0.72 -15.56 -10.71
CA ALA B 237 -2.12 -15.72 -10.42
C ALA B 237 -3.04 -15.05 -11.44
N VAL B 238 -2.59 -13.98 -12.11
CA VAL B 238 -3.44 -13.32 -13.06
C VAL B 238 -3.00 -13.40 -14.51
N ASP B 239 -1.71 -13.61 -14.78
CA ASP B 239 -1.23 -13.60 -16.14
C ASP B 239 -1.37 -14.98 -16.75
N PRO B 240 -2.16 -15.13 -17.82
CA PRO B 240 -2.32 -16.47 -18.39
C PRO B 240 -1.06 -17.17 -18.92
N LYS B 241 -0.05 -16.41 -19.39
CA LYS B 241 1.22 -17.05 -19.81
C LYS B 241 1.90 -17.81 -18.67
N ALA B 242 1.65 -17.42 -17.44
CA ALA B 242 2.37 -18.01 -16.29
C ALA B 242 1.70 -19.23 -15.68
N LYS B 243 0.56 -19.66 -16.21
CA LYS B 243 -0.26 -20.67 -15.54
C LYS B 243 0.36 -22.01 -15.55
N ASN B 244 0.16 -22.75 -14.46
CA ASN B 244 0.59 -24.11 -14.37
C ASN B 244 2.09 -24.26 -14.59
N GLN B 245 2.85 -23.48 -13.83
CA GLN B 245 4.32 -23.55 -13.86
C GLN B 245 4.84 -23.56 -12.49
N VAL B 246 5.94 -24.28 -12.33
CA VAL B 246 6.83 -24.14 -11.22
C VAL B 246 7.79 -22.96 -11.56
N LEU B 247 8.08 -22.13 -10.58
CA LEU B 247 8.81 -20.89 -10.77
C LEU B 247 9.64 -20.46 -9.58
N ASN B 248 10.93 -20.28 -9.78
CA ASN B 248 11.79 -19.78 -8.73
C ASN B 248 11.47 -18.31 -8.60
N CYS B 249 11.92 -17.71 -7.50
CA CYS B 249 11.74 -16.30 -7.26
C CYS B 249 12.92 -15.75 -6.46
N ASN B 250 13.79 -14.96 -7.10
CA ASN B 250 14.78 -14.23 -6.38
C ASN B 250 14.93 -12.79 -6.91
N ASN B 251 15.78 -11.98 -6.29
CA ASN B 251 15.90 -10.59 -6.66
C ASN B 251 16.52 -10.32 -8.01
N GLY B 252 17.16 -11.32 -8.58
CA GLY B 252 17.67 -11.21 -9.91
C GLY B 252 19.17 -10.85 -9.95
N ASP B 253 19.79 -10.70 -8.78
CA ASP B 253 21.21 -10.39 -8.64
C ASP B 253 21.80 -11.32 -7.58
N VAL B 254 23.06 -11.05 -7.23
CA VAL B 254 23.77 -11.80 -6.18
C VAL B 254 24.48 -10.84 -5.30
N PHE B 255 24.81 -11.29 -4.10
CA PHE B 255 25.56 -10.45 -3.16
C PHE B 255 26.49 -11.36 -2.38
N LYS B 256 27.27 -10.76 -1.49
CA LYS B 256 28.08 -11.49 -0.51
C LYS B 256 27.77 -11.03 0.91
N TRP B 257 27.66 -11.97 1.82
CA TRP B 257 27.39 -11.61 3.22
C TRP B 257 28.41 -10.63 3.74
N LYS B 258 29.64 -10.70 3.26
CA LYS B 258 30.58 -9.74 3.77
C LYS B 258 30.19 -8.31 3.51
N HIS B 259 29.55 -8.04 2.38
CA HIS B 259 29.22 -6.64 2.05
C HIS B 259 27.98 -6.26 2.83
N ILE B 260 27.07 -7.21 2.95
CA ILE B 260 25.89 -7.00 3.75
C ILE B 260 26.29 -6.71 5.18
N TRP B 261 27.28 -7.44 5.68
CA TRP B 261 27.69 -7.31 7.10
C TRP B 261 28.14 -5.88 7.41
N LYS B 262 28.89 -5.30 6.48
CA LYS B 262 29.40 -3.93 6.64
C LYS B 262 28.24 -2.95 6.63
N LYS B 263 27.30 -3.14 5.73
CA LYS B 263 26.15 -2.24 5.70
C LYS B 263 25.32 -2.32 7.02
N LEU B 264 25.26 -3.51 7.62
CA LEU B 264 24.50 -3.77 8.81
C LEU B 264 25.12 -3.02 9.95
N ALA B 265 26.42 -3.08 10.03
CA ALA B 265 27.17 -2.36 11.03
C ALA B 265 26.95 -0.86 10.86
N GLU B 266 27.17 -0.34 9.67
CA GLU B 266 26.90 1.07 9.39
C GLU B 266 25.46 1.46 9.79
N GLU B 267 24.46 0.64 9.49
CA GLU B 267 23.10 1.00 9.78
C GLU B 267 22.85 1.11 11.28
N PHE B 268 23.63 0.39 12.08
CA PHE B 268 23.49 0.40 13.52
C PHE B 268 24.57 1.21 14.25
N GLY B 269 25.40 1.91 13.47
CA GLY B 269 26.41 2.80 13.99
C GLY B 269 27.34 2.08 14.96
N ILE B 270 27.73 0.87 14.64
CA ILE B 270 28.66 0.14 15.46
C ILE B 270 29.76 -0.42 14.61
N GLU B 271 30.79 -0.86 15.30
CA GLU B 271 32.01 -1.34 14.70
C GLU B 271 31.71 -2.74 14.24
N MET B 272 32.38 -3.17 13.18
CA MET B 272 32.21 -4.52 12.69
C MET B 272 33.46 -5.35 12.90
N VAL B 273 33.26 -6.62 13.21
CA VAL B 273 34.33 -7.58 13.13
C VAL B 273 33.93 -8.65 12.11
N GLY B 274 34.68 -8.67 11.03
CA GLY B 274 34.42 -9.54 9.91
C GLY B 274 34.87 -10.92 10.23
N TYR B 275 34.80 -11.77 9.23
CA TYR B 275 35.35 -13.08 9.30
C TYR B 275 36.86 -12.97 9.51
N VAL B 276 37.40 -13.82 10.38
CA VAL B 276 38.83 -13.86 10.72
C VAL B 276 39.42 -15.16 10.19
N GLU B 277 40.46 -15.05 9.36
CA GLU B 277 41.09 -16.23 8.73
C GLU B 277 41.34 -17.38 9.71
N GLY B 278 40.95 -18.59 9.33
CA GLY B 278 41.19 -19.75 10.18
C GLY B 278 40.19 -20.00 11.30
N LYS B 279 39.59 -18.92 11.83
CA LYS B 279 38.53 -18.99 12.84
C LYS B 279 37.31 -19.74 12.26
N GLU B 280 36.55 -20.45 13.10
CA GLU B 280 35.42 -21.20 12.57
C GLU B 280 34.05 -20.83 13.14
N GLN B 281 33.02 -21.28 12.45
CA GLN B 281 31.67 -20.83 12.72
C GLN B 281 31.29 -21.14 14.15
N VAL B 282 30.78 -20.15 14.87
CA VAL B 282 30.15 -20.40 16.13
C VAL B 282 28.64 -20.24 15.97
N SER B 283 27.89 -20.91 16.86
CA SER B 283 26.45 -20.88 16.79
C SER B 283 25.91 -19.61 17.43
N LEU B 284 25.28 -18.79 16.59
CA LEU B 284 24.61 -17.59 17.06
C LEU B 284 23.43 -17.95 17.98
N ALA B 285 22.75 -19.06 17.68
CA ALA B 285 21.69 -19.59 18.56
C ALA B 285 22.25 -19.80 20.00
N GLU B 286 23.35 -20.51 20.10
CA GLU B 286 24.05 -20.67 21.38
C GLU B 286 24.47 -19.31 21.97
N LEU B 287 25.06 -18.40 21.22
CA LEU B 287 25.46 -17.09 21.80
C LEU B 287 24.31 -16.24 22.33
N MET B 288 23.07 -16.50 21.88
CA MET B 288 21.96 -15.65 22.25
C MET B 288 20.95 -16.38 23.13
N LYS B 289 21.34 -17.60 23.54
CA LYS B 289 20.57 -18.48 24.46
C LYS B 289 19.69 -17.77 25.46
N ASP B 290 20.30 -16.94 26.31
CA ASP B 290 19.54 -16.38 27.44
C ASP B 290 19.63 -14.88 27.36
N LYS B 291 19.21 -14.35 26.22
CA LYS B 291 19.13 -12.90 26.04
C LYS B 291 17.66 -12.43 26.01
N ASP B 292 16.72 -13.33 26.25
CA ASP B 292 15.31 -12.99 26.21
C ASP B 292 14.99 -11.76 27.06
N GLN B 293 15.66 -11.63 28.21
CA GLN B 293 15.38 -10.52 29.10
C GLN B 293 16.00 -9.23 28.62
N VAL B 294 17.21 -9.29 28.09
CA VAL B 294 17.80 -8.10 27.48
C VAL B 294 16.86 -7.58 26.37
N TRP B 295 16.28 -8.50 25.60
CA TRP B 295 15.40 -8.07 24.51
C TRP B 295 14.12 -7.39 25.07
N ASP B 296 13.51 -8.03 26.09
CA ASP B 296 12.34 -7.47 26.81
C ASP B 296 12.70 -6.08 27.36
N GLU B 297 13.91 -5.88 27.86
CA GLU B 297 14.34 -4.55 28.32
C GLU B 297 14.41 -3.59 27.17
N ILE B 298 14.94 -4.06 26.03
CA ILE B 298 15.13 -3.18 24.88
C ILE B 298 13.80 -2.71 24.33
N VAL B 299 12.88 -3.66 24.22
CA VAL B 299 11.55 -3.39 23.73
C VAL B 299 10.90 -2.27 24.54
N LYS B 300 11.07 -2.35 25.87
CA LYS B 300 10.43 -1.43 26.84
C LYS B 300 11.13 -0.09 26.81
N LYS B 301 12.45 -0.11 26.91
CA LYS B 301 13.25 1.10 26.76
C LYS B 301 12.87 1.91 25.53
N ASN B 302 12.71 1.29 24.36
CA ASN B 302 12.50 2.05 23.09
C ASN B 302 11.02 2.09 22.67
N ASN B 303 10.16 1.53 23.52
CA ASN B 303 8.73 1.54 23.31
C ASN B 303 8.41 0.88 21.96
N LEU B 304 9.02 -0.28 21.76
CA LEU B 304 8.78 -1.08 20.58
C LEU B 304 7.52 -1.88 20.71
N VAL B 305 7.00 -2.30 19.58
CA VAL B 305 5.94 -3.28 19.53
C VAL B 305 6.44 -4.47 20.31
N PRO B 306 5.67 -4.94 21.31
CA PRO B 306 6.30 -5.97 22.14
C PRO B 306 6.43 -7.30 21.40
N THR B 307 7.60 -7.88 21.41
CA THR B 307 7.82 -9.17 20.78
C THR B 307 8.71 -9.97 21.72
N LYS B 308 8.48 -11.27 21.76
CA LYS B 308 9.43 -12.17 22.42
C LYS B 308 10.61 -12.39 21.45
N LEU B 309 11.81 -12.53 22.00
CA LEU B 309 13.01 -12.78 21.28
C LEU B 309 12.86 -13.93 20.29
N LYS B 310 12.23 -15.03 20.73
CA LYS B 310 12.09 -16.24 19.90
C LYS B 310 11.06 -16.06 18.77
N GLU B 311 10.24 -15.00 18.88
CA GLU B 311 9.30 -14.68 17.82
C GLU B 311 9.94 -13.84 16.70
N ILE B 312 10.60 -12.76 17.11
CA ILE B 312 11.13 -11.85 16.18
C ILE B 312 12.43 -12.38 15.51
N ALA B 313 13.22 -13.16 16.24
CA ALA B 313 14.51 -13.69 15.76
C ALA B 313 14.47 -15.18 15.70
N ALA B 314 15.23 -15.69 14.73
CA ALA B 314 15.41 -17.08 14.50
C ALA B 314 16.93 -17.31 14.30
N PHE B 315 17.67 -17.27 15.41
CA PHE B 315 19.11 -17.39 15.34
C PHE B 315 19.56 -18.69 14.69
N TRP B 316 18.78 -19.75 14.89
CA TRP B 316 19.10 -21.05 14.32
C TRP B 316 19.17 -20.95 12.80
N PHE B 317 18.30 -20.10 12.24
CA PHE B 317 18.18 -19.99 10.79
C PHE B 317 19.34 -19.19 10.25
N ALA B 318 19.78 -18.19 10.99
CA ALA B 318 20.96 -17.49 10.63
C ALA B 318 22.17 -18.44 10.56
N ASP B 319 22.26 -19.35 11.53
CA ASP B 319 23.40 -20.28 11.58
C ASP B 319 23.43 -21.11 10.29
N ILE B 320 22.27 -21.61 9.87
CA ILE B 320 22.16 -22.28 8.60
C ILE B 320 22.58 -21.40 7.41
N ALA B 321 22.05 -20.19 7.32
CA ALA B 321 22.50 -19.26 6.30
C ALA B 321 24.00 -19.11 6.27
N PHE B 322 24.59 -19.01 7.45
CA PHE B 322 26.03 -18.80 7.55
C PHE B 322 26.88 -20.08 7.50
N CYS B 323 26.30 -21.24 7.21
CA CYS B 323 27.14 -22.39 6.78
C CYS B 323 26.74 -22.82 5.36
N SER B 324 26.04 -21.96 4.67
CA SER B 324 25.50 -22.34 3.35
C SER B 324 26.32 -21.71 2.24
N GLU B 325 26.32 -22.37 1.10
CA GLU B 325 26.94 -21.81 -0.08
C GLU B 325 26.40 -22.55 -1.26
N ASN B 326 26.63 -22.02 -2.46
CA ASN B 326 26.26 -22.73 -3.66
C ASN B 326 24.75 -22.89 -3.76
N LEU B 327 23.98 -21.93 -3.20
CA LEU B 327 22.54 -22.05 -3.33
C LEU B 327 21.89 -21.09 -4.34
N ILE B 328 22.66 -20.50 -5.28
CA ILE B 328 22.08 -19.59 -6.25
C ILE B 328 21.00 -20.28 -7.07
N SER B 329 19.90 -19.58 -7.31
CA SER B 329 18.83 -20.04 -8.19
C SER B 329 18.71 -19.13 -9.38
N SER B 330 18.16 -19.67 -10.46
CA SER B 330 18.00 -18.97 -11.73
C SER B 330 16.61 -18.43 -11.84
N MET B 331 16.51 -17.21 -12.32
CA MET B 331 15.28 -16.58 -12.73
C MET B 331 14.98 -16.61 -14.23
N ASN B 332 15.77 -17.36 -15.02
CA ASN B 332 15.58 -17.33 -16.45
C ASN B 332 14.18 -17.74 -16.87
N LYS B 333 13.66 -18.76 -16.25
CA LYS B 333 12.34 -19.21 -16.66
C LYS B 333 11.28 -18.12 -16.48
N SER B 334 11.31 -17.43 -15.35
CA SER B 334 10.34 -16.39 -15.13
C SER B 334 10.52 -15.27 -16.11
N LYS B 335 11.77 -14.85 -16.31
CA LYS B 335 12.06 -13.78 -17.27
C LYS B 335 11.65 -14.15 -18.68
N GLU B 336 11.85 -15.41 -19.07
CA GLU B 336 11.49 -15.83 -20.42
C GLU B 336 9.99 -15.85 -20.57
N LEU B 337 9.30 -16.08 -19.48
CA LEU B 337 7.84 -16.00 -19.47
C LEU B 337 7.34 -14.55 -19.40
N GLY B 338 8.22 -13.56 -19.27
CA GLY B 338 7.73 -12.18 -19.24
C GLY B 338 7.74 -11.52 -17.91
N PHE B 339 8.14 -12.21 -16.82
CA PHE B 339 8.17 -11.47 -15.54
C PHE B 339 9.53 -10.80 -15.39
N LEU B 340 9.56 -9.48 -15.32
CA LEU B 340 10.86 -8.80 -15.22
C LEU B 340 11.09 -8.01 -13.93
N GLY B 341 10.22 -8.24 -12.91
CA GLY B 341 10.48 -7.72 -11.59
C GLY B 341 11.83 -8.14 -11.01
N PHE B 342 12.47 -7.24 -10.28
CA PHE B 342 13.76 -7.47 -9.70
C PHE B 342 13.90 -6.52 -8.52
N ARG B 343 14.92 -6.74 -7.71
CA ARG B 343 15.36 -5.75 -6.75
C ARG B 343 16.86 -5.78 -6.66
N ASN B 344 17.41 -4.66 -6.28
CA ASN B 344 18.80 -4.56 -5.86
C ASN B 344 18.88 -5.12 -4.45
N SER B 345 19.51 -6.28 -4.27
CA SER B 345 19.53 -6.93 -2.98
C SER B 345 20.10 -6.11 -1.84
N MET B 346 21.09 -5.29 -2.12
CA MET B 346 21.70 -4.44 -1.09
C MET B 346 20.69 -3.39 -0.66
N LYS B 347 19.97 -2.86 -1.61
CA LYS B 347 18.90 -1.94 -1.27
C LYS B 347 17.69 -2.60 -0.60
N SER B 348 17.32 -3.81 -1.03
CA SER B 348 16.22 -4.55 -0.43
C SER B 348 16.54 -4.80 1.08
N PHE B 349 17.79 -5.08 1.40
CA PHE B 349 18.19 -5.39 2.74
C PHE B 349 18.05 -4.12 3.54
N VAL B 350 18.58 -3.02 3.04
CA VAL B 350 18.45 -1.78 3.76
C VAL B 350 16.98 -1.39 3.91
N SER B 351 16.16 -1.67 2.91
CA SER B 351 14.75 -1.24 2.95
C SER B 351 13.94 -2.07 4.00
N CYS B 352 14.33 -3.34 4.22
CA CYS B 352 13.76 -4.15 5.28
C CYS B 352 14.14 -3.59 6.63
N ILE B 353 15.38 -3.20 6.78
CA ILE B 353 15.79 -2.56 7.99
C ILE B 353 14.94 -1.30 8.26
N ASP B 354 14.89 -0.39 7.27
CA ASP B 354 14.16 0.86 7.44
C ASP B 354 12.73 0.58 7.83
N LYS B 355 12.15 -0.40 7.20
CA LYS B 355 10.73 -0.67 7.41
C LYS B 355 10.47 -1.31 8.77
N MET B 356 11.41 -2.10 9.27
CA MET B 356 11.23 -2.64 10.59
C MET B 356 11.41 -1.55 11.66
N ARG B 357 12.18 -0.52 11.36
CA ARG B 357 12.27 0.62 12.23
C ARG B 357 10.99 1.50 12.18
N ASP B 358 10.58 1.79 10.97
CA ASP B 358 9.34 2.53 10.66
C ASP B 358 8.15 1.89 11.45
N TYR B 359 7.99 0.57 11.39
CA TYR B 359 6.89 -0.13 12.04
C TYR B 359 7.11 -0.33 13.56
N ARG B 360 8.26 0.13 14.05
CA ARG B 360 8.66 0.06 15.44
C ARG B 360 8.87 -1.34 16.01
N PHE B 361 9.33 -2.28 15.16
CA PHE B 361 9.75 -3.60 15.65
C PHE B 361 11.13 -3.54 16.21
N ILE B 362 11.91 -2.56 15.76
CA ILE B 362 13.34 -2.48 16.10
C ILE B 362 13.68 -1.05 16.38
N PRO B 363 14.72 -0.77 17.19
CA PRO B 363 14.95 0.63 17.52
C PRO B 363 15.34 1.48 16.35
N ALA B 364 14.87 2.72 16.35
CA ALA B 364 15.33 3.73 15.39
C ALA B 364 16.81 4.06 15.63
N SER B 365 17.39 4.87 14.75
CA SER B 365 18.82 5.17 14.76
C SER B 365 19.19 6.00 15.98
#